data_5V1S
#
_entry.id   5V1S
#
_cell.length_a   114.787
_cell.length_b   85.473
_cell.length_c   109.864
_cell.angle_alpha   90.00
_cell.angle_beta   90.00
_cell.angle_gamma   90.00
#
_symmetry.space_group_name_H-M   'P 21 21 2'
#
loop_
_entity.id
_entity.type
_entity.pdbx_description
1 polymer 'Radical SAM'
2 non-polymer 'IRON/SULFUR CLUSTER'
3 non-polymer S-ADENOSYLMETHIONINE
4 water water
#
_entity_poly.entity_id   1
_entity_poly.type   'polypeptide(L)'
_entity_poly.pdbx_seq_one_letter_code
;MGSSHHHHHHSSGLVPRGSHMRTISEDILFRLEKFGGILINKTNFERIELDETEAFFLYLVQNHGIEIATSFFKKEIEMG
KLERALSLNIYSDNNIEDSLNNPYETLQNARKHVAKLKKHNILSFPLELVIYPSMYCDLKCGFCFLANREDRNAKPAKDW
ERILRQAKDNGVLSVSILGGEPTRYFDIDNLLIACEELKIKTTITTNAQLIKKSTVEILAKSKYITPVLSLQTLDSKLNF
ELMGVRPDRQIKLAKYFNEVGKKCRINAVYTKQSYEQIIELVDFCIENKIDRFSVANYSEVTGYTKIKKKYDLADLRRLN
EYVTDYITQREANLNFATEGCHLFTAYPELINNSIEFSEFDEMYYGCRAKYTKMEIMSNGDILPCIAFLGVNQTKQNAFE
KDLLDVWYDDPLYGGIRSFRTKNSKCLSCGLLKICEGGCYVNLIKEKSPEYFRDSVCQL
;
_entity_poly.pdbx_strand_id   A,B
#
loop_
_chem_comp.id
_chem_comp.type
_chem_comp.name
_chem_comp.formula
SAM non-polymer S-ADENOSYLMETHIONINE 'C15 H22 N6 O5 S'
SF4 non-polymer 'IRON/SULFUR CLUSTER' 'Fe4 S4'
#
# COMPACT_ATOMS: atom_id res chain seq x y z
N ARG A 22 -35.36 -2.97 -13.24
CA ARG A 22 -34.74 -1.75 -12.74
C ARG A 22 -33.26 -1.97 -12.42
N THR A 23 -32.40 -1.47 -13.30
CA THR A 23 -30.96 -1.67 -13.19
C THR A 23 -30.19 -0.35 -13.21
N ILE A 24 -28.95 -0.40 -13.68
CA ILE A 24 -28.13 0.80 -13.83
C ILE A 24 -28.30 1.37 -15.25
N SER A 25 -28.37 2.69 -15.33
CA SER A 25 -28.62 3.38 -16.61
C SER A 25 -27.57 3.04 -17.66
N GLU A 26 -27.99 3.06 -18.92
CA GLU A 26 -27.06 2.81 -20.03
C GLU A 26 -26.11 3.99 -20.21
N ASP A 27 -26.52 5.15 -19.72
CA ASP A 27 -25.70 6.37 -19.82
C ASP A 27 -24.70 6.47 -18.68
N ILE A 28 -24.58 5.41 -17.89
CA ILE A 28 -23.64 5.36 -16.77
C ILE A 28 -22.71 4.18 -16.91
N LEU A 29 -21.42 4.44 -16.75
CA LEU A 29 -20.40 3.39 -16.80
C LEU A 29 -19.96 2.99 -15.40
N PHE A 30 -20.21 1.73 -15.03
CA PHE A 30 -19.77 1.20 -13.75
C PHE A 30 -18.71 0.12 -13.92
N ARG A 31 -17.65 0.20 -13.11
CA ARG A 31 -16.60 -0.82 -13.12
C ARG A 31 -16.09 -1.07 -11.71
N LEU A 32 -15.79 -2.33 -11.43
CA LEU A 32 -15.11 -2.69 -10.19
C LEU A 32 -13.65 -2.27 -10.30
N GLU A 33 -13.15 -1.61 -9.26
CA GLU A 33 -11.76 -1.20 -9.20
C GLU A 33 -11.12 -1.71 -7.91
N LYS A 34 -9.80 -1.65 -7.83
CA LYS A 34 -9.07 -2.22 -6.69
C LYS A 34 -9.44 -1.53 -5.37
N PHE A 35 -10.03 -0.34 -5.45
CA PHE A 35 -10.43 0.41 -4.27
C PHE A 35 -11.95 0.41 -4.09
N GLY A 36 -12.62 -0.50 -4.79
CA GLY A 36 -14.07 -0.54 -4.76
C GLY A 36 -14.64 -0.49 -6.15
N GLY A 37 -15.16 0.68 -6.54
CA GLY A 37 -15.74 0.84 -7.86
C GLY A 37 -15.64 2.25 -8.38
N ILE A 38 -15.98 2.41 -9.66
CA ILE A 38 -16.00 3.73 -10.27
C ILE A 38 -17.25 3.90 -11.13
N LEU A 39 -17.87 5.06 -11.00
CA LEU A 39 -19.03 5.43 -11.81
C LEU A 39 -18.73 6.67 -12.63
N ILE A 40 -19.07 6.63 -13.92
CA ILE A 40 -18.86 7.77 -14.81
C ILE A 40 -20.02 7.93 -15.79
N ASN A 41 -20.49 9.15 -15.96
CA ASN A 41 -21.50 9.44 -16.96
C ASN A 41 -20.86 9.39 -18.34
N LYS A 42 -21.51 8.68 -19.27
CA LYS A 42 -20.97 8.48 -20.61
C LYS A 42 -21.30 9.64 -21.55
N THR A 43 -21.78 10.75 -20.97
CA THR A 43 -22.09 11.95 -21.74
C THR A 43 -21.68 13.21 -20.98
N ASN A 44 -21.71 13.13 -19.66
CA ASN A 44 -21.35 14.27 -18.79
C ASN A 44 -19.92 14.14 -18.27
N PHE A 45 -19.43 12.91 -18.18
CA PHE A 45 -18.05 12.64 -17.79
C PHE A 45 -17.74 12.99 -16.32
N GLU A 46 -18.78 13.27 -15.54
CA GLU A 46 -18.61 13.43 -14.10
C GLU A 46 -18.48 12.04 -13.49
N ARG A 47 -17.63 11.91 -12.48
CA ARG A 47 -17.33 10.60 -11.91
C ARG A 47 -17.38 10.60 -10.39
N ILE A 48 -17.65 9.43 -9.83
CA ILE A 48 -17.74 9.24 -8.39
C ILE A 48 -17.03 7.94 -7.99
N GLU A 49 -16.13 8.05 -7.00
CA GLU A 49 -15.42 6.89 -6.50
C GLU A 49 -16.25 6.19 -5.42
N LEU A 50 -16.33 4.87 -5.51
CA LEU A 50 -17.22 4.09 -4.65
C LEU A 50 -16.46 3.23 -3.64
N ASP A 51 -17.15 2.88 -2.55
CA ASP A 51 -16.64 1.94 -1.56
C ASP A 51 -16.53 0.54 -2.16
N GLU A 52 -16.03 -0.40 -1.38
CA GLU A 52 -16.06 -1.80 -1.76
C GLU A 52 -17.48 -2.34 -1.58
N THR A 53 -18.13 -1.88 -0.50
CA THR A 53 -19.52 -2.24 -0.24
C THR A 53 -20.41 -1.75 -1.39
N GLU A 54 -20.32 -0.45 -1.66
CA GLU A 54 -21.13 0.17 -2.70
C GLU A 54 -20.86 -0.44 -4.06
N ALA A 55 -19.60 -0.77 -4.33
CA ALA A 55 -19.22 -1.38 -5.60
C ALA A 55 -19.81 -2.79 -5.74
N PHE A 56 -19.76 -3.56 -4.66
CA PHE A 56 -20.32 -4.90 -4.67
C PHE A 56 -21.85 -4.82 -4.71
N PHE A 57 -22.40 -3.86 -3.97
CA PHE A 57 -23.84 -3.58 -4.04
C PHE A 57 -24.26 -3.32 -5.48
N LEU A 58 -23.63 -2.33 -6.10
CA LEU A 58 -24.00 -1.91 -7.45
C LEU A 58 -23.72 -2.96 -8.51
N TYR A 59 -22.74 -3.83 -8.24
CA TYR A 59 -22.41 -4.91 -9.16
C TYR A 59 -23.59 -5.88 -9.25
N LEU A 60 -24.20 -6.14 -8.10
CA LEU A 60 -25.40 -6.98 -8.05
C LEU A 60 -26.57 -6.26 -8.71
N VAL A 61 -26.71 -4.97 -8.39
CA VAL A 61 -27.76 -4.14 -8.98
C VAL A 61 -27.66 -4.10 -10.50
N GLN A 62 -26.47 -4.41 -11.03
CA GLN A 62 -26.24 -4.44 -12.46
C GLN A 62 -26.55 -5.81 -13.07
N ASN A 63 -26.05 -6.87 -12.44
CA ASN A 63 -26.25 -8.24 -12.93
C ASN A 63 -27.55 -8.86 -12.45
N HIS A 64 -28.18 -8.21 -11.49
CA HIS A 64 -29.48 -8.64 -10.99
C HIS A 64 -30.29 -7.38 -10.69
N GLY A 65 -31.50 -7.54 -10.19
CA GLY A 65 -32.32 -6.38 -9.87
C GLY A 65 -31.81 -5.65 -8.65
N ILE A 66 -32.33 -4.45 -8.42
CA ILE A 66 -32.04 -3.73 -7.19
C ILE A 66 -32.61 -4.51 -6.00
N GLU A 67 -33.61 -5.35 -6.27
CA GLU A 67 -34.24 -6.15 -5.24
C GLU A 67 -33.31 -7.25 -4.74
N ILE A 68 -32.76 -8.03 -5.67
CA ILE A 68 -31.78 -9.06 -5.34
C ILE A 68 -30.56 -8.46 -4.66
N ALA A 69 -30.18 -7.26 -5.08
CA ALA A 69 -29.07 -6.55 -4.46
C ALA A 69 -29.46 -6.08 -3.05
N THR A 70 -30.65 -5.50 -2.95
CA THR A 70 -31.15 -5.01 -1.67
C THR A 70 -31.22 -6.14 -0.64
N SER A 71 -31.47 -7.36 -1.12
CA SER A 71 -31.47 -8.53 -0.25
C SER A 71 -30.14 -8.67 0.47
N PHE A 72 -29.06 -8.77 -0.32
CA PHE A 72 -27.72 -8.77 0.25
C PHE A 72 -27.48 -7.41 0.91
N PHE A 73 -26.40 -7.30 1.66
CA PHE A 73 -26.02 -6.02 2.26
C PHE A 73 -27.12 -5.49 3.17
N LYS A 74 -27.92 -6.40 3.72
CA LYS A 74 -29.05 -6.03 4.57
C LYS A 74 -28.60 -5.20 5.78
N LYS A 75 -27.57 -5.69 6.46
CA LYS A 75 -27.04 -5.00 7.63
C LYS A 75 -26.45 -3.64 7.25
N GLU A 76 -25.79 -3.58 6.11
CA GLU A 76 -25.16 -2.36 5.63
C GLU A 76 -26.17 -1.25 5.37
N ILE A 77 -27.33 -1.62 4.83
CA ILE A 77 -28.38 -0.65 4.55
C ILE A 77 -28.95 -0.08 5.84
N GLU A 78 -28.95 -0.91 6.89
CA GLU A 78 -29.45 -0.49 8.19
C GLU A 78 -28.36 0.23 8.99
N MET A 79 -27.10 0.01 8.59
CA MET A 79 -25.96 0.67 9.23
C MET A 79 -25.73 2.06 8.65
N GLY A 80 -26.39 2.34 7.53
CA GLY A 80 -26.23 3.61 6.84
C GLY A 80 -25.01 3.61 5.92
N LYS A 81 -24.54 2.43 5.55
CA LYS A 81 -23.36 2.30 4.71
C LYS A 81 -23.68 2.46 3.23
N LEU A 82 -24.96 2.53 2.90
CA LEU A 82 -25.41 2.67 1.53
C LEU A 82 -26.30 3.89 1.35
N GLU A 83 -26.15 4.85 2.25
CA GLU A 83 -26.93 6.09 2.19
C GLU A 83 -26.61 6.90 0.94
N ARG A 84 -25.34 6.84 0.51
CA ARG A 84 -24.92 7.57 -0.68
C ARG A 84 -25.29 6.80 -1.95
N ALA A 85 -24.94 5.52 -1.99
CA ALA A 85 -25.13 4.70 -3.18
C ALA A 85 -26.59 4.64 -3.60
N LEU A 86 -27.48 4.70 -2.62
CA LEU A 86 -28.92 4.69 -2.90
C LEU A 86 -29.37 6.10 -3.30
N SER A 87 -28.62 7.11 -2.85
CA SER A 87 -28.97 8.50 -3.11
C SER A 87 -28.41 9.00 -4.45
N LEU A 88 -28.27 8.08 -5.40
CA LEU A 88 -27.77 8.44 -6.73
C LEU A 88 -28.87 8.34 -7.78
N ASN A 89 -28.67 9.03 -8.89
CA ASN A 89 -29.62 8.99 -9.99
C ASN A 89 -29.09 8.16 -11.15
N ILE A 90 -28.53 7.00 -10.84
CA ILE A 90 -27.85 6.17 -11.82
C ILE A 90 -28.68 4.96 -12.25
N TYR A 91 -29.95 4.96 -11.91
CA TYR A 91 -30.79 3.79 -12.12
C TYR A 91 -31.75 3.96 -13.30
N SER A 92 -32.09 2.83 -13.93
CA SER A 92 -33.01 2.81 -15.06
C SER A 92 -33.71 1.45 -15.14
N ASP A 93 -34.53 1.26 -16.15
CA ASP A 93 -35.27 0.01 -16.32
C ASP A 93 -34.92 -0.69 -17.64
N ASN A 102 -26.60 -16.75 -10.83
CA ASN A 102 -26.64 -16.91 -9.39
C ASN A 102 -25.86 -15.80 -8.69
N PRO A 103 -26.57 -14.92 -7.97
CA PRO A 103 -25.98 -13.75 -7.30
C PRO A 103 -24.88 -14.10 -6.30
N TYR A 104 -24.86 -15.33 -5.79
CA TYR A 104 -23.77 -15.76 -4.91
C TYR A 104 -22.47 -15.88 -5.70
N GLU A 105 -22.54 -16.49 -6.88
CA GLU A 105 -21.36 -16.70 -7.70
C GLU A 105 -20.85 -15.40 -8.33
N THR A 106 -21.75 -14.45 -8.57
CA THR A 106 -21.35 -13.17 -9.13
C THR A 106 -20.69 -12.30 -8.05
N LEU A 107 -21.18 -12.42 -6.82
CA LEU A 107 -20.59 -11.67 -5.71
C LEU A 107 -19.22 -12.24 -5.38
N GLN A 108 -19.05 -13.54 -5.60
CA GLN A 108 -17.76 -14.17 -5.37
C GLN A 108 -16.75 -13.78 -6.45
N ASN A 109 -17.19 -13.82 -7.70
CA ASN A 109 -16.33 -13.45 -8.82
C ASN A 109 -15.88 -11.99 -8.77
N ALA A 110 -16.78 -11.12 -8.31
CA ALA A 110 -16.43 -9.72 -8.08
C ALA A 110 -15.30 -9.62 -7.05
N ARG A 111 -15.34 -10.49 -6.05
CA ARG A 111 -14.30 -10.51 -5.03
C ARG A 111 -12.99 -11.04 -5.60
N LYS A 112 -13.11 -12.04 -6.48
CA LYS A 112 -11.96 -12.61 -7.17
C LYS A 112 -11.31 -11.56 -8.08
N HIS A 113 -12.13 -10.63 -8.54
CA HIS A 113 -11.69 -9.60 -9.49
C HIS A 113 -11.00 -8.46 -8.75
N VAL A 114 -11.66 -7.92 -7.73
CA VAL A 114 -11.11 -6.83 -6.94
C VAL A 114 -9.78 -7.22 -6.32
N ALA A 115 -9.63 -8.50 -5.98
CA ALA A 115 -8.40 -8.99 -5.38
C ALA A 115 -7.28 -9.05 -6.40
N LYS A 116 -7.62 -9.41 -7.64
CA LYS A 116 -6.62 -9.50 -8.71
C LYS A 116 -6.11 -8.11 -9.10
N LEU A 117 -7.00 -7.13 -9.05
CA LEU A 117 -6.63 -5.76 -9.35
C LEU A 117 -5.68 -5.22 -8.29
N LYS A 118 -5.87 -5.68 -7.06
CA LYS A 118 -5.03 -5.28 -5.94
C LYS A 118 -3.64 -5.89 -6.06
N LYS A 119 -3.60 -7.19 -6.40
CA LYS A 119 -2.33 -7.91 -6.55
C LYS A 119 -1.57 -7.47 -7.79
N HIS A 120 -2.18 -6.58 -8.58
CA HIS A 120 -1.51 -5.99 -9.73
C HIS A 120 -1.37 -4.48 -9.55
N ASN A 121 -2.26 -3.91 -8.74
CA ASN A 121 -2.24 -2.46 -8.49
C ASN A 121 -2.35 -1.70 -9.80
N ILE A 122 -3.39 -2.00 -10.57
CA ILE A 122 -3.65 -1.32 -11.83
C ILE A 122 -5.13 -1.01 -11.99
N LEU A 123 -5.42 -0.10 -12.91
CA LEU A 123 -6.79 0.22 -13.27
C LEU A 123 -7.41 -0.98 -13.99
N SER A 124 -8.72 -1.14 -13.83
CA SER A 124 -9.45 -2.29 -14.36
C SER A 124 -9.26 -2.48 -15.86
N PHE A 125 -9.39 -1.38 -16.60
CA PHE A 125 -9.33 -1.39 -18.05
C PHE A 125 -9.08 0.05 -18.50
N PRO A 126 -8.53 0.24 -19.71
CA PRO A 126 -8.45 1.61 -20.21
C PRO A 126 -9.80 2.29 -20.30
N LEU A 127 -9.83 3.59 -20.08
CA LEU A 127 -11.03 4.38 -20.30
C LEU A 127 -11.09 4.86 -21.74
N GLU A 128 -9.93 4.85 -22.40
CA GLU A 128 -9.82 5.31 -23.78
C GLU A 128 -9.11 4.27 -24.64
N LEU A 129 -9.80 3.80 -25.67
CA LEU A 129 -9.20 2.94 -26.67
C LEU A 129 -8.99 3.74 -27.95
N VAL A 130 -7.81 3.61 -28.53
CA VAL A 130 -7.46 4.32 -29.76
C VAL A 130 -7.09 3.31 -30.82
N ILE A 131 -7.73 3.39 -31.98
CA ILE A 131 -7.53 2.41 -33.03
C ILE A 131 -7.11 3.09 -34.32
N TYR A 132 -6.22 2.44 -35.05
CA TYR A 132 -5.69 2.95 -36.31
C TYR A 132 -5.96 1.93 -37.40
N PRO A 133 -7.23 1.83 -37.84
CA PRO A 133 -7.58 0.82 -38.84
C PRO A 133 -6.72 0.92 -40.11
N SER A 134 -6.34 2.14 -40.47
CA SER A 134 -5.44 2.33 -41.61
C SER A 134 -4.44 3.44 -41.35
N MET A 135 -3.17 3.17 -41.67
CA MET A 135 -2.11 4.16 -41.51
C MET A 135 -2.00 5.05 -42.73
N TYR A 136 -2.62 4.63 -43.84
CA TYR A 136 -2.61 5.44 -45.05
C TYR A 136 -3.32 6.78 -44.84
N CYS A 137 -2.78 7.82 -45.44
CA CYS A 137 -3.42 9.14 -45.45
C CYS A 137 -3.25 9.77 -46.82
N ASP A 138 -4.17 10.67 -47.15
CA ASP A 138 -4.14 11.36 -48.44
C ASP A 138 -3.34 12.66 -48.38
N LEU A 139 -2.97 13.08 -47.17
CA LEU A 139 -2.19 14.29 -46.99
C LEU A 139 -0.79 13.97 -46.43
N LYS A 140 -0.01 15.02 -46.22
CA LYS A 140 1.35 14.88 -45.70
C LYS A 140 1.69 16.12 -44.89
N CYS A 141 0.81 16.47 -43.95
CA CYS A 141 1.00 17.67 -43.13
C CYS A 141 2.40 17.71 -42.53
N GLY A 142 3.02 18.88 -42.58
CA GLY A 142 4.38 19.06 -42.09
C GLY A 142 4.54 18.87 -40.59
N PHE A 143 3.42 18.95 -39.85
CA PHE A 143 3.48 18.84 -38.40
C PHE A 143 3.21 17.42 -37.94
N CYS A 144 2.70 16.59 -38.86
CA CYS A 144 2.28 15.23 -38.51
C CYS A 144 3.45 14.25 -38.43
N PHE A 145 3.36 13.30 -37.51
CA PHE A 145 4.42 12.30 -37.36
C PHE A 145 3.99 10.91 -37.84
N LEU A 146 2.75 10.81 -38.29
CA LEU A 146 2.19 9.53 -38.75
C LEU A 146 1.82 9.54 -40.23
N ALA A 147 2.62 10.22 -41.04
CA ALA A 147 2.38 10.27 -42.48
C ALA A 147 3.33 9.35 -43.23
N ASN A 148 2.89 8.87 -44.40
CA ASN A 148 3.69 8.01 -45.25
C ASN A 148 3.95 6.63 -44.64
N ARG A 149 3.26 6.32 -43.54
CA ARG A 149 3.43 5.04 -42.86
C ARG A 149 2.98 3.87 -43.73
N GLU A 150 3.45 2.67 -43.40
CA GLU A 150 3.12 1.47 -44.16
C GLU A 150 1.69 0.99 -43.88
N ASP A 151 0.87 0.95 -44.92
CA ASP A 151 -0.50 0.46 -44.81
C ASP A 151 -0.75 -0.69 -45.77
N ARG A 152 -0.24 -1.86 -45.43
CA ARG A 152 -0.33 -3.04 -46.29
C ARG A 152 -1.67 -3.76 -46.15
N ASN A 153 -1.73 -4.73 -45.24
CA ASN A 153 -2.92 -5.56 -45.08
C ASN A 153 -3.84 -5.04 -43.97
N ALA A 154 -4.56 -3.96 -44.27
CA ALA A 154 -5.54 -3.42 -43.34
C ALA A 154 -6.70 -4.40 -43.15
N LYS A 155 -6.88 -4.87 -41.93
CA LYS A 155 -7.94 -5.85 -41.65
C LYS A 155 -9.32 -5.22 -41.85
N PRO A 156 -10.34 -6.05 -42.10
CA PRO A 156 -11.71 -5.56 -42.28
C PRO A 156 -12.40 -5.25 -40.95
N ALA A 157 -13.55 -4.57 -41.02
CA ALA A 157 -14.26 -4.12 -39.82
C ALA A 157 -14.71 -5.29 -38.95
N LYS A 158 -14.80 -6.48 -39.52
CA LYS A 158 -15.21 -7.66 -38.76
C LYS A 158 -14.18 -7.97 -37.68
N ASP A 159 -12.90 -7.88 -38.03
CA ASP A 159 -11.83 -8.16 -37.08
C ASP A 159 -11.78 -7.10 -35.98
N TRP A 160 -12.00 -5.85 -36.36
CA TRP A 160 -12.00 -4.75 -35.39
C TRP A 160 -13.26 -4.82 -34.53
N GLU A 161 -14.29 -5.47 -35.05
CA GLU A 161 -15.55 -5.64 -34.32
C GLU A 161 -15.34 -6.53 -33.11
N ARG A 162 -14.56 -7.59 -33.27
CA ARG A 162 -14.23 -8.48 -32.16
C ARG A 162 -13.47 -7.71 -31.10
N ILE A 163 -12.51 -6.90 -31.53
CA ILE A 163 -11.73 -6.08 -30.62
C ILE A 163 -12.63 -5.09 -29.90
N LEU A 164 -13.57 -4.51 -30.64
CA LEU A 164 -14.50 -3.54 -30.09
C LEU A 164 -15.41 -4.16 -29.04
N ARG A 165 -15.75 -5.43 -29.22
CA ARG A 165 -16.66 -6.12 -28.30
C ARG A 165 -15.98 -6.35 -26.95
N GLN A 166 -14.69 -6.71 -26.98
CA GLN A 166 -13.93 -6.87 -25.75
C GLN A 166 -13.87 -5.56 -24.98
N ALA A 167 -13.63 -4.47 -25.70
CA ALA A 167 -13.50 -3.15 -25.07
C ALA A 167 -14.79 -2.78 -24.37
N LYS A 168 -15.90 -2.94 -25.09
CA LYS A 168 -17.24 -2.72 -24.54
C LYS A 168 -17.45 -3.57 -23.28
N ASP A 169 -17.26 -4.87 -23.42
CA ASP A 169 -17.53 -5.81 -22.33
C ASP A 169 -16.56 -5.66 -21.16
N ASN A 170 -15.41 -5.05 -21.41
CA ASN A 170 -14.40 -4.89 -20.37
C ASN A 170 -14.45 -3.53 -19.66
N GLY A 171 -15.36 -2.66 -20.09
CA GLY A 171 -15.57 -1.39 -19.40
C GLY A 171 -14.95 -0.16 -20.02
N VAL A 172 -14.56 -0.24 -21.29
CA VAL A 172 -14.01 0.92 -21.98
C VAL A 172 -15.03 2.06 -21.97
N LEU A 173 -14.55 3.29 -21.91
CA LEU A 173 -15.45 4.45 -21.88
C LEU A 173 -15.67 5.05 -23.26
N SER A 174 -14.60 5.17 -24.04
CA SER A 174 -14.70 5.74 -25.39
C SER A 174 -13.68 5.14 -26.35
N VAL A 175 -14.07 5.05 -27.62
CA VAL A 175 -13.21 4.55 -28.69
C VAL A 175 -12.94 5.62 -29.73
N SER A 176 -11.68 6.05 -29.81
CA SER A 176 -11.26 7.04 -30.79
C SER A 176 -10.66 6.38 -32.03
N ILE A 177 -11.20 6.72 -33.19
CA ILE A 177 -10.75 6.17 -34.47
C ILE A 177 -9.84 7.18 -35.17
N LEU A 178 -8.56 6.82 -35.29
CA LEU A 178 -7.56 7.70 -35.90
C LEU A 178 -6.88 6.99 -37.06
N GLY A 179 -5.67 7.45 -37.38
CA GLY A 179 -4.88 6.91 -38.48
C GLY A 179 -3.59 7.71 -38.60
N GLY A 180 -3.18 8.05 -39.81
CA GLY A 180 -3.93 7.75 -41.02
C GLY A 180 -5.19 8.58 -41.14
N GLU A 181 -5.71 8.70 -42.35
CA GLU A 181 -7.05 9.23 -42.55
C GLU A 181 -8.02 8.05 -42.50
N PRO A 182 -8.79 7.94 -41.40
CA PRO A 182 -9.66 6.78 -41.18
C PRO A 182 -10.78 6.71 -42.21
N THR A 183 -11.22 7.85 -42.74
CA THR A 183 -12.25 7.86 -43.76
C THR A 183 -11.72 7.25 -45.07
N ARG A 184 -10.40 7.17 -45.20
CA ARG A 184 -9.79 6.48 -46.32
C ARG A 184 -9.62 4.98 -46.04
N TYR A 185 -10.00 4.56 -44.85
CA TYR A 185 -10.06 3.14 -44.52
C TYR A 185 -11.24 2.50 -45.26
N PHE A 186 -10.96 1.46 -46.04
CA PHE A 186 -11.95 0.91 -46.97
C PHE A 186 -13.23 0.50 -46.27
N ASP A 187 -13.11 -0.08 -45.08
CA ASP A 187 -14.28 -0.58 -44.36
C ASP A 187 -14.68 0.34 -43.22
N ILE A 188 -14.55 1.64 -43.43
CA ILE A 188 -14.85 2.62 -42.40
C ILE A 188 -16.35 2.67 -42.07
N ASP A 189 -17.19 2.56 -43.09
CA ASP A 189 -18.63 2.59 -42.88
C ASP A 189 -19.08 1.47 -41.93
N ASN A 190 -18.64 0.25 -42.21
CA ASN A 190 -18.96 -0.89 -41.36
C ASN A 190 -18.44 -0.74 -39.94
N LEU A 191 -17.17 -0.33 -39.83
CA LEU A 191 -16.54 -0.10 -38.53
C LEU A 191 -17.35 0.91 -37.70
N LEU A 192 -17.81 1.97 -38.35
CA LEU A 192 -18.61 2.98 -37.69
C LEU A 192 -19.96 2.41 -37.26
N ILE A 193 -20.51 1.53 -38.10
CA ILE A 193 -21.77 0.87 -37.79
C ILE A 193 -21.62 -0.02 -36.56
N ALA A 194 -20.51 -0.76 -36.50
CA ALA A 194 -20.22 -1.63 -35.37
C ALA A 194 -20.13 -0.86 -34.06
N CYS A 195 -19.64 0.37 -34.13
CA CYS A 195 -19.53 1.20 -32.95
C CYS A 195 -20.91 1.72 -32.53
N GLU A 196 -21.77 1.92 -33.52
CA GLU A 196 -23.12 2.41 -33.28
C GLU A 196 -24.00 1.28 -32.72
N GLU A 197 -23.82 0.08 -33.26
CA GLU A 197 -24.58 -1.09 -32.82
C GLU A 197 -24.17 -1.55 -31.43
N LEU A 198 -22.89 -1.37 -31.09
CA LEU A 198 -22.39 -1.73 -29.76
C LEU A 198 -22.62 -0.59 -28.78
N LYS A 199 -23.14 0.53 -29.28
CA LYS A 199 -23.41 1.70 -28.46
C LYS A 199 -22.19 2.14 -27.65
N ILE A 200 -21.04 2.21 -28.31
CA ILE A 200 -19.81 2.71 -27.70
C ILE A 200 -19.65 4.19 -28.04
N LYS A 201 -19.41 5.02 -27.02
CA LYS A 201 -19.15 6.43 -27.25
C LYS A 201 -17.89 6.59 -28.10
N THR A 202 -18.09 6.89 -29.38
CA THR A 202 -16.99 6.86 -30.35
C THR A 202 -16.79 8.21 -31.01
N THR A 203 -15.54 8.52 -31.32
CA THR A 203 -15.21 9.66 -32.17
C THR A 203 -14.32 9.20 -33.32
N ILE A 204 -14.39 9.95 -34.41
CA ILE A 204 -13.52 9.76 -35.55
C ILE A 204 -12.93 11.11 -35.94
N THR A 205 -11.62 11.15 -36.14
CA THR A 205 -10.92 12.38 -36.49
C THR A 205 -10.51 12.34 -37.96
N THR A 206 -10.89 13.38 -38.72
CA THR A 206 -10.74 13.36 -40.17
C THR A 206 -10.30 14.71 -40.76
N ASN A 207 -9.61 14.66 -41.89
CA ASN A 207 -9.20 15.87 -42.61
C ASN A 207 -10.31 16.35 -43.54
N ALA A 208 -11.35 15.53 -43.67
CA ALA A 208 -12.57 15.87 -44.41
C ALA A 208 -12.36 16.12 -45.90
N GLN A 209 -11.27 15.57 -46.46
CA GLN A 209 -10.92 15.84 -47.85
C GLN A 209 -11.73 15.00 -48.84
N LEU A 210 -11.74 13.69 -48.64
CA LEU A 210 -12.40 12.77 -49.57
C LEU A 210 -13.47 11.91 -48.91
N ILE A 211 -14.06 12.42 -47.83
CA ILE A 211 -15.05 11.65 -47.08
C ILE A 211 -16.27 11.30 -47.92
N LYS A 212 -16.58 10.01 -48.00
CA LYS A 212 -17.69 9.52 -48.83
C LYS A 212 -19.03 10.02 -48.34
N LYS A 213 -20.01 10.06 -49.25
CA LYS A 213 -21.36 10.49 -48.92
C LYS A 213 -22.03 9.55 -47.92
N SER A 214 -21.83 8.24 -48.10
CA SER A 214 -22.43 7.26 -47.21
C SER A 214 -21.92 7.44 -45.79
N THR A 215 -20.62 7.66 -45.67
CA THR A 215 -19.98 7.86 -44.37
C THR A 215 -20.58 9.03 -43.62
N VAL A 216 -20.73 10.16 -44.32
CA VAL A 216 -21.28 11.37 -43.73
C VAL A 216 -22.70 11.12 -43.21
N GLU A 217 -23.39 10.17 -43.81
CA GLU A 217 -24.75 9.83 -43.41
C GLU A 217 -24.71 9.02 -42.11
N ILE A 218 -23.85 8.00 -42.09
CA ILE A 218 -23.65 7.17 -40.92
C ILE A 218 -23.29 8.02 -39.70
N LEU A 219 -22.64 9.15 -39.93
CA LEU A 219 -22.29 10.07 -38.85
C LEU A 219 -23.46 11.00 -38.52
N ALA A 220 -24.22 11.37 -39.54
CA ALA A 220 -25.34 12.30 -39.37
C ALA A 220 -26.49 11.65 -38.60
N LYS A 221 -26.70 10.36 -38.83
CA LYS A 221 -27.77 9.63 -38.16
C LYS A 221 -27.23 8.76 -37.03
N SER A 222 -26.10 9.17 -36.47
CA SER A 222 -25.47 8.43 -35.39
C SER A 222 -25.71 9.09 -34.05
N LYS A 223 -26.00 8.29 -33.03
CA LYS A 223 -26.23 8.82 -31.69
C LYS A 223 -24.96 8.76 -30.84
N TYR A 224 -24.09 7.81 -31.15
CA TYR A 224 -22.92 7.54 -30.31
C TYR A 224 -21.61 8.08 -30.90
N ILE A 225 -21.56 8.23 -32.22
CA ILE A 225 -20.34 8.69 -32.90
C ILE A 225 -20.32 10.20 -33.13
N THR A 226 -19.18 10.82 -32.84
CA THR A 226 -19.01 12.26 -33.04
C THR A 226 -17.77 12.53 -33.91
N PRO A 227 -17.95 13.24 -35.04
CA PRO A 227 -16.79 13.55 -35.88
C PRO A 227 -15.94 14.69 -35.34
N VAL A 228 -14.63 14.60 -35.57
CA VAL A 228 -13.69 15.68 -35.23
C VAL A 228 -12.96 16.09 -36.51
N LEU A 229 -12.96 17.38 -36.79
CA LEU A 229 -12.39 17.90 -38.03
C LEU A 229 -11.04 18.56 -37.78
N SER A 230 -10.00 18.06 -38.46
CA SER A 230 -8.66 18.62 -38.35
C SER A 230 -8.51 19.88 -39.20
N LEU A 231 -8.49 21.02 -38.53
CA LEU A 231 -8.44 22.31 -39.21
C LEU A 231 -7.49 23.25 -38.46
N GLN A 232 -6.43 23.68 -39.14
CA GLN A 232 -5.41 24.50 -38.51
C GLN A 232 -5.74 25.98 -38.54
N THR A 233 -6.54 26.41 -39.51
CA THR A 233 -6.89 27.82 -39.66
C THR A 233 -7.84 28.04 -40.83
N LEU A 234 -8.50 29.19 -40.83
CA LEU A 234 -9.39 29.56 -41.94
C LEU A 234 -8.60 30.20 -43.07
N ASP A 235 -7.46 30.79 -42.74
CA ASP A 235 -6.58 31.37 -43.74
C ASP A 235 -6.11 30.30 -44.71
N SER A 236 -6.43 30.48 -45.98
CA SER A 236 -6.14 29.49 -47.02
C SER A 236 -4.65 29.22 -47.13
N LYS A 237 -3.86 30.29 -47.14
CA LYS A 237 -2.42 30.16 -47.37
C LYS A 237 -1.77 29.37 -46.25
N LEU A 238 -1.94 29.84 -45.02
CA LEU A 238 -1.30 29.21 -43.88
C LEU A 238 -1.76 27.77 -43.71
N ASN A 239 -3.06 27.52 -43.87
CA ASN A 239 -3.57 26.17 -43.76
C ASN A 239 -2.96 25.28 -44.85
N PHE A 240 -2.77 25.85 -46.03
CA PHE A 240 -2.16 25.12 -47.14
C PHE A 240 -0.69 24.83 -46.84
N GLU A 241 -0.04 25.75 -46.13
CA GLU A 241 1.34 25.54 -45.74
C GLU A 241 1.43 24.48 -44.64
N LEU A 242 0.38 24.36 -43.84
CA LEU A 242 0.39 23.46 -42.68
C LEU A 242 -0.11 22.06 -43.02
N MET A 243 -1.12 21.98 -43.89
CA MET A 243 -1.75 20.71 -44.23
C MET A 243 -1.61 20.35 -45.71
N GLY A 244 -1.34 21.34 -46.55
CA GLY A 244 -1.25 21.10 -47.98
C GLY A 244 -2.62 21.12 -48.67
N VAL A 245 -3.64 21.60 -47.98
CA VAL A 245 -4.95 21.84 -48.59
C VAL A 245 -5.54 23.15 -48.08
N ARG A 246 -6.47 23.71 -48.85
CA ARG A 246 -7.28 24.83 -48.37
C ARG A 246 -8.26 24.29 -47.34
N PRO A 247 -8.79 25.16 -46.45
CA PRO A 247 -9.67 24.69 -45.39
C PRO A 247 -11.13 24.51 -45.83
N ASP A 248 -11.36 24.56 -47.13
CA ASP A 248 -12.71 24.65 -47.70
C ASP A 248 -13.61 23.48 -47.32
N ARG A 249 -13.09 22.26 -47.45
CA ARG A 249 -13.90 21.07 -47.23
C ARG A 249 -14.16 20.80 -45.74
N GLN A 250 -13.20 21.14 -44.89
CA GLN A 250 -13.41 21.02 -43.45
C GLN A 250 -14.51 22.00 -43.01
N ILE A 251 -14.44 23.22 -43.54
CA ILE A 251 -15.44 24.24 -43.27
C ILE A 251 -16.81 23.82 -43.78
N LYS A 252 -16.85 23.24 -44.97
CA LYS A 252 -18.10 22.82 -45.58
C LYS A 252 -18.80 21.76 -44.73
N LEU A 253 -18.02 20.82 -44.18
CA LEU A 253 -18.60 19.71 -43.43
C LEU A 253 -19.10 20.17 -42.07
N ALA A 254 -18.38 21.08 -41.44
CA ALA A 254 -18.81 21.66 -40.18
C ALA A 254 -20.15 22.36 -40.36
N LYS A 255 -20.27 23.12 -41.44
CA LYS A 255 -21.51 23.81 -41.79
C LYS A 255 -22.65 22.83 -42.04
N TYR A 256 -22.34 21.72 -42.70
CA TYR A 256 -23.35 20.72 -43.02
C TYR A 256 -23.90 20.02 -41.76
N PHE A 257 -23.01 19.62 -40.85
CA PHE A 257 -23.44 18.93 -39.64
C PHE A 257 -24.33 19.84 -38.80
N ASN A 258 -24.03 21.13 -38.81
CA ASN A 258 -24.84 22.10 -38.07
C ASN A 258 -26.24 22.21 -38.69
N GLU A 259 -26.34 21.92 -39.98
CA GLU A 259 -27.62 21.95 -40.70
C GLU A 259 -28.50 20.78 -40.27
N VAL A 260 -27.92 19.58 -40.27
CA VAL A 260 -28.65 18.37 -39.90
C VAL A 260 -28.66 18.19 -38.37
N GLY A 261 -28.25 19.22 -37.65
CA GLY A 261 -28.24 19.18 -36.20
C GLY A 261 -27.43 18.02 -35.64
N LYS A 262 -26.17 17.93 -36.04
CA LYS A 262 -25.27 16.88 -35.57
C LYS A 262 -24.06 17.50 -34.88
N LYS A 263 -23.73 16.98 -33.70
CA LYS A 263 -22.59 17.48 -32.95
C LYS A 263 -21.29 17.29 -33.75
N CYS A 264 -20.48 18.34 -33.80
CA CYS A 264 -19.22 18.33 -34.51
C CYS A 264 -18.13 18.96 -33.67
N ARG A 265 -16.88 18.62 -33.97
CA ARG A 265 -15.74 19.18 -33.25
C ARG A 265 -14.61 19.57 -34.19
N ILE A 266 -13.82 20.55 -33.74
CA ILE A 266 -12.64 21.01 -34.47
C ILE A 266 -11.39 20.78 -33.62
N ASN A 267 -10.37 20.19 -34.23
CA ASN A 267 -9.09 20.01 -33.57
C ASN A 267 -7.96 20.65 -34.38
N ALA A 268 -7.18 21.51 -33.70
CA ALA A 268 -6.04 22.19 -34.31
C ALA A 268 -4.78 21.93 -33.50
N VAL A 269 -3.63 21.98 -34.17
CA VAL A 269 -2.33 21.89 -33.52
C VAL A 269 -1.71 23.27 -33.47
N TYR A 270 -1.30 23.69 -32.28
CA TYR A 270 -0.68 25.00 -32.10
C TYR A 270 0.76 24.99 -32.63
N THR A 271 0.93 25.43 -33.88
CA THR A 271 2.23 25.42 -34.54
C THR A 271 2.69 26.84 -34.93
N LYS A 272 1.96 27.45 -35.86
CA LYS A 272 2.36 28.74 -36.41
C LYS A 272 1.26 29.80 -36.36
N GLN A 273 0.09 29.43 -35.87
CA GLN A 273 -1.03 30.35 -35.81
C GLN A 273 -0.73 31.54 -34.90
N SER A 274 -1.18 32.72 -35.29
CA SER A 274 -1.16 33.88 -34.43
C SER A 274 -2.40 33.88 -33.55
N TYR A 275 -2.45 34.77 -32.57
CA TYR A 275 -3.61 34.89 -31.70
C TYR A 275 -4.84 35.31 -32.50
N GLU A 276 -4.65 36.24 -33.44
CA GLU A 276 -5.74 36.74 -34.25
C GLU A 276 -6.38 35.63 -35.07
N GLN A 277 -5.55 34.72 -35.59
CA GLN A 277 -6.04 33.62 -36.42
C GLN A 277 -6.78 32.58 -35.58
N ILE A 278 -6.36 32.41 -34.32
CA ILE A 278 -7.03 31.50 -33.41
C ILE A 278 -8.43 32.01 -33.09
N ILE A 279 -8.54 33.29 -32.75
CA ILE A 279 -9.82 33.91 -32.46
C ILE A 279 -10.77 33.83 -33.65
N GLU A 280 -10.23 34.00 -34.86
CA GLU A 280 -11.04 33.88 -36.06
C GLU A 280 -11.65 32.48 -36.16
N LEU A 281 -10.92 31.50 -35.64
CA LEU A 281 -11.34 30.10 -35.72
C LEU A 281 -12.31 29.76 -34.58
N VAL A 282 -12.21 30.51 -33.48
CA VAL A 282 -13.16 30.38 -32.39
C VAL A 282 -14.53 30.88 -32.83
N ASP A 283 -14.54 32.05 -33.45
CA ASP A 283 -15.78 32.68 -33.92
C ASP A 283 -16.51 31.79 -34.91
N PHE A 284 -15.76 31.07 -35.73
CA PHE A 284 -16.34 30.13 -36.68
C PHE A 284 -17.09 29.03 -35.95
N CYS A 285 -16.50 28.53 -34.88
CA CYS A 285 -17.10 27.45 -34.10
C CYS A 285 -18.39 27.94 -33.44
N ILE A 286 -18.37 29.20 -32.99
CA ILE A 286 -19.54 29.80 -32.35
C ILE A 286 -20.68 29.95 -33.36
N GLU A 287 -20.39 30.60 -34.48
CA GLU A 287 -21.38 30.83 -35.53
C GLU A 287 -22.02 29.52 -35.99
N ASN A 288 -21.21 28.47 -36.06
CA ASN A 288 -21.69 27.18 -36.53
C ASN A 288 -21.95 26.20 -35.39
N LYS A 289 -21.99 26.71 -34.16
CA LYS A 289 -22.37 25.93 -32.99
C LYS A 289 -21.56 24.63 -32.84
N ILE A 290 -20.24 24.76 -32.88
CA ILE A 290 -19.37 23.60 -32.73
C ILE A 290 -19.34 23.13 -31.28
N ASP A 291 -19.49 21.83 -31.08
CA ASP A 291 -19.56 21.24 -29.75
C ASP A 291 -18.31 21.58 -28.94
N ARG A 292 -17.15 21.18 -29.45
CA ARG A 292 -15.89 21.35 -28.74
C ARG A 292 -14.77 21.77 -29.69
N PHE A 293 -13.97 22.74 -29.26
CA PHE A 293 -12.83 23.22 -30.03
C PHE A 293 -11.54 22.99 -29.25
N SER A 294 -10.74 22.03 -29.70
CA SER A 294 -9.50 21.65 -29.03
C SER A 294 -8.25 22.18 -29.75
N VAL A 295 -7.31 22.72 -28.98
CA VAL A 295 -6.02 23.16 -29.52
C VAL A 295 -4.89 22.33 -28.91
N ALA A 296 -4.40 21.36 -29.67
CA ALA A 296 -3.36 20.46 -29.19
C ALA A 296 -2.00 21.13 -29.21
N ASN A 297 -1.18 20.81 -28.21
CA ASN A 297 0.21 21.24 -28.19
C ASN A 297 0.98 20.51 -29.28
N TYR A 298 1.91 21.21 -29.91
CA TYR A 298 2.68 20.64 -31.00
C TYR A 298 3.83 19.78 -30.50
N SER A 299 3.78 18.51 -30.85
CA SER A 299 4.77 17.54 -30.42
C SER A 299 5.74 17.21 -31.56
N GLU A 300 7.00 17.59 -31.38
CA GLU A 300 8.05 17.24 -32.34
C GLU A 300 8.48 15.80 -32.17
N VAL A 301 8.57 15.09 -33.29
CA VAL A 301 9.10 13.74 -33.33
C VAL A 301 10.24 13.73 -34.33
N THR A 302 11.47 13.62 -33.85
CA THR A 302 12.64 13.81 -34.72
C THR A 302 12.64 12.78 -35.83
N GLY A 303 12.92 13.26 -37.04
CA GLY A 303 12.97 12.40 -38.22
C GLY A 303 11.65 12.30 -38.96
N TYR A 304 10.58 12.83 -38.37
CA TYR A 304 9.25 12.74 -38.96
C TYR A 304 8.60 14.12 -39.11
N THR A 305 8.51 14.86 -38.01
CA THR A 305 7.96 16.20 -38.07
C THR A 305 8.92 17.11 -38.81
N LYS A 306 8.39 17.97 -39.68
CA LYS A 306 9.22 18.86 -40.49
C LYS A 306 9.24 20.29 -39.94
N ILE A 307 8.08 20.76 -39.50
CA ILE A 307 7.95 22.12 -38.98
C ILE A 307 8.66 22.28 -37.64
N LYS A 308 9.26 23.45 -37.44
CA LYS A 308 9.94 23.72 -36.18
C LYS A 308 8.96 24.21 -35.13
N LYS A 309 9.16 23.77 -33.89
CA LYS A 309 8.29 24.14 -32.79
C LYS A 309 8.54 25.59 -32.38
N LYS A 310 7.48 26.40 -32.42
CA LYS A 310 7.58 27.81 -32.08
C LYS A 310 7.17 28.10 -30.63
N TYR A 311 6.13 27.41 -30.17
CA TYR A 311 5.55 27.68 -28.85
C TYR A 311 5.67 26.52 -27.87
N ASP A 312 6.04 26.84 -26.62
CA ASP A 312 6.12 25.83 -25.56
C ASP A 312 4.80 25.73 -24.80
N LEU A 313 4.80 24.99 -23.70
CA LEU A 313 3.59 24.80 -22.90
C LEU A 313 3.18 26.10 -22.19
N ALA A 314 4.14 26.93 -21.84
CA ALA A 314 3.83 28.22 -21.23
C ALA A 314 3.05 29.08 -22.20
N ASP A 315 3.48 29.10 -23.46
CA ASP A 315 2.80 29.84 -24.51
C ASP A 315 1.40 29.28 -24.76
N LEU A 316 1.20 28.00 -24.47
CA LEU A 316 -0.10 27.36 -24.65
C LEU A 316 -1.06 27.76 -23.54
N ARG A 317 -0.54 27.97 -22.34
CA ARG A 317 -1.34 28.42 -21.20
C ARG A 317 -1.78 29.86 -21.41
N ARG A 318 -0.83 30.69 -21.85
CA ARG A 318 -1.13 32.09 -22.15
C ARG A 318 -2.19 32.19 -23.26
N LEU A 319 -2.22 31.21 -24.15
CA LEU A 319 -3.23 31.17 -25.21
C LEU A 319 -4.58 30.76 -24.65
N ASN A 320 -4.59 29.68 -23.88
CA ASN A 320 -5.81 29.16 -23.27
C ASN A 320 -6.52 30.23 -22.44
N GLU A 321 -5.73 30.93 -21.63
CA GLU A 321 -6.25 31.99 -20.77
C GLU A 321 -6.64 33.22 -21.59
N TYR A 322 -6.28 33.21 -22.87
CA TYR A 322 -6.65 34.28 -23.79
C TYR A 322 -7.98 33.96 -24.48
N VAL A 323 -8.15 32.69 -24.86
CA VAL A 323 -9.35 32.27 -25.56
C VAL A 323 -10.55 32.17 -24.61
N THR A 324 -10.34 31.52 -23.47
CA THR A 324 -11.40 31.40 -22.46
C THR A 324 -11.85 32.80 -22.01
N ASP A 325 -10.90 33.72 -21.92
CA ASP A 325 -11.19 35.10 -21.56
C ASP A 325 -11.93 35.83 -22.69
N TYR A 326 -11.96 35.22 -23.87
CA TYR A 326 -12.63 35.79 -25.04
C TYR A 326 -14.00 35.14 -25.23
N ILE A 327 -14.06 33.82 -25.08
CA ILE A 327 -15.31 33.09 -25.26
C ILE A 327 -16.32 33.49 -24.20
N THR A 328 -15.84 33.81 -23.01
CA THR A 328 -16.71 34.24 -21.91
C THR A 328 -17.00 35.73 -21.99
N GLN A 329 -16.04 36.50 -22.47
CA GLN A 329 -16.21 37.94 -22.63
C GLN A 329 -17.08 38.26 -23.84
N ARG A 330 -17.79 37.25 -24.34
CA ARG A 330 -18.75 37.43 -25.41
C ARG A 330 -19.96 36.54 -25.17
N GLU A 331 -19.97 35.88 -24.01
CA GLU A 331 -21.09 35.04 -23.60
C GLU A 331 -21.40 33.94 -24.61
N ALA A 332 -20.40 33.11 -24.90
CA ALA A 332 -20.59 32.00 -25.83
C ALA A 332 -20.48 30.67 -25.09
N ASN A 333 -21.33 29.72 -25.44
CA ASN A 333 -21.35 28.42 -24.77
C ASN A 333 -20.35 27.44 -25.37
N LEU A 334 -19.33 27.96 -26.05
CA LEU A 334 -18.35 27.12 -26.71
C LEU A 334 -17.47 26.38 -25.71
N ASN A 335 -17.32 25.08 -25.94
CA ASN A 335 -16.52 24.22 -25.07
C ASN A 335 -15.06 24.19 -25.55
N PHE A 336 -14.23 25.04 -24.97
CA PHE A 336 -12.85 25.18 -25.42
C PHE A 336 -11.85 24.48 -24.50
N ALA A 337 -10.75 24.02 -25.07
CA ALA A 337 -9.74 23.29 -24.32
C ALA A 337 -8.40 23.22 -25.04
N THR A 338 -7.32 23.18 -24.27
CA THR A 338 -5.98 22.87 -24.79
C THR A 338 -5.66 21.42 -24.41
N GLU A 339 -4.81 20.77 -25.19
CA GLU A 339 -4.53 19.35 -24.98
C GLU A 339 -3.07 19.01 -25.18
N GLY A 340 -2.67 17.87 -24.61
CA GLY A 340 -1.30 17.42 -24.64
C GLY A 340 -0.89 16.85 -23.29
N CYS A 341 0.32 16.31 -23.23
CA CYS A 341 0.87 15.78 -21.99
C CYS A 341 1.63 16.85 -21.22
N HIS A 342 1.69 16.68 -19.90
CA HIS A 342 2.51 17.52 -19.02
C HIS A 342 2.14 19.01 -19.09
N LEU A 343 0.92 19.30 -19.52
CA LEU A 343 0.45 20.68 -19.59
C LEU A 343 0.47 21.37 -18.23
N PHE A 344 0.54 20.57 -17.16
CA PHE A 344 0.53 21.11 -15.80
C PHE A 344 1.88 21.74 -15.43
N THR A 345 2.92 21.40 -16.18
CA THR A 345 4.26 21.93 -15.91
C THR A 345 4.34 23.44 -16.15
N ALA A 346 3.31 24.01 -16.77
CA ALA A 346 3.25 25.44 -17.02
C ALA A 346 2.57 26.17 -15.87
N TYR A 347 2.17 25.42 -14.85
CA TYR A 347 1.48 25.96 -13.68
C TYR A 347 2.26 25.70 -12.39
N PRO A 348 3.19 26.59 -12.03
CA PRO A 348 3.97 26.42 -10.80
C PRO A 348 3.13 26.60 -9.53
N GLU A 349 1.86 26.94 -9.69
CA GLU A 349 0.98 27.20 -8.56
C GLU A 349 0.55 25.91 -7.85
N LEU A 350 1.23 24.80 -8.15
CA LEU A 350 0.91 23.52 -7.54
C LEU A 350 2.16 22.84 -7.00
N GLU A 356 -2.20 15.88 -2.40
CA GLU A 356 -2.59 14.50 -2.12
C GLU A 356 -3.70 14.03 -3.06
N PHE A 357 -3.35 13.15 -3.99
CA PHE A 357 -4.30 12.62 -4.96
C PHE A 357 -5.01 11.38 -4.44
N SER A 358 -6.25 11.19 -4.88
CA SER A 358 -7.01 9.99 -4.53
C SER A 358 -6.37 8.76 -5.17
N GLU A 359 -6.84 7.58 -4.79
CA GLU A 359 -6.26 6.36 -5.31
C GLU A 359 -6.54 6.24 -6.80
N PHE A 360 -7.59 6.89 -7.25
CA PHE A 360 -7.96 6.88 -8.67
C PHE A 360 -7.28 8.02 -9.41
N ASP A 361 -7.33 9.22 -8.83
CA ASP A 361 -6.71 10.38 -9.42
C ASP A 361 -5.22 10.17 -9.70
N GLU A 362 -4.58 9.37 -8.84
CA GLU A 362 -3.16 9.06 -9.00
C GLU A 362 -2.91 8.38 -10.34
N MET A 363 -3.91 7.64 -10.82
CA MET A 363 -3.80 6.86 -12.05
C MET A 363 -4.55 7.50 -13.22
N TYR A 364 -5.37 8.50 -12.92
CA TYR A 364 -6.17 9.15 -13.95
C TYR A 364 -5.42 10.34 -14.55
N TYR A 365 -5.00 11.25 -13.68
CA TYR A 365 -4.24 12.42 -14.11
C TYR A 365 -2.82 12.02 -14.54
N GLY A 366 -2.21 12.86 -15.38
CA GLY A 366 -0.85 12.63 -15.84
C GLY A 366 -0.78 11.71 -17.04
N CYS A 367 0.33 10.98 -17.17
CA CYS A 367 0.55 10.10 -18.31
C CYS A 367 -0.53 9.04 -18.41
N ARG A 368 -1.37 9.17 -19.43
CA ARG A 368 -2.50 8.27 -19.64
C ARG A 368 -2.06 6.88 -20.10
N ALA A 369 -0.82 6.79 -20.58
CA ALA A 369 -0.33 5.52 -21.13
C ALA A 369 -0.09 4.48 -20.05
N LYS A 370 -0.16 4.91 -18.78
CA LYS A 370 0.03 3.99 -17.67
C LYS A 370 -1.21 3.13 -17.42
N TYR A 371 -2.34 3.77 -17.18
CA TYR A 371 -3.55 3.06 -16.73
C TYR A 371 -4.87 3.36 -17.49
N THR A 372 -4.95 4.49 -18.18
CA THR A 372 -6.23 4.94 -18.74
C THR A 372 -6.32 4.92 -20.25
N LYS A 373 -5.27 4.45 -20.92
CA LYS A 373 -5.20 4.51 -22.39
C LYS A 373 -4.60 3.26 -23.02
N MET A 374 -5.11 2.92 -24.20
CA MET A 374 -4.55 1.85 -25.04
C MET A 374 -4.68 2.23 -26.50
N GLU A 375 -3.66 1.90 -27.29
CA GLU A 375 -3.66 2.21 -28.73
C GLU A 375 -3.33 0.98 -29.55
N ILE A 376 -4.15 0.73 -30.56
CA ILE A 376 -4.01 -0.47 -31.38
C ILE A 376 -3.66 -0.09 -32.81
N MET A 377 -2.54 -0.59 -33.28
CA MET A 377 -2.04 -0.25 -34.61
C MET A 377 -2.78 -1.04 -35.68
N SER A 378 -2.48 -0.73 -36.94
CA SER A 378 -3.17 -1.34 -38.08
C SER A 378 -2.90 -2.84 -38.20
N ASN A 379 -1.75 -3.27 -37.69
CA ASN A 379 -1.38 -4.68 -37.73
C ASN A 379 -1.84 -5.40 -36.47
N GLY A 380 -2.47 -4.67 -35.56
CA GLY A 380 -2.93 -5.21 -34.29
C GLY A 380 -2.01 -4.93 -33.12
N ASP A 381 -0.83 -4.37 -33.39
CA ASP A 381 0.14 -4.04 -32.34
C ASP A 381 -0.50 -3.19 -31.25
N ILE A 382 -0.34 -3.62 -30.01
CA ILE A 382 -0.90 -2.92 -28.87
C ILE A 382 0.19 -2.06 -28.23
N LEU A 383 -0.12 -0.78 -28.03
CA LEU A 383 0.83 0.17 -27.50
C LEU A 383 0.19 0.94 -26.36
N PRO A 384 0.95 1.18 -25.26
CA PRO A 384 0.41 2.06 -24.24
C PRO A 384 0.17 3.47 -24.79
N CYS A 385 1.02 3.85 -25.74
CA CYS A 385 0.96 5.19 -26.35
C CYS A 385 1.52 5.14 -27.75
N ILE A 386 1.13 6.09 -28.57
CA ILE A 386 1.60 6.18 -29.95
C ILE A 386 3.11 6.47 -29.96
N ALA A 387 3.60 7.05 -28.88
CA ALA A 387 5.02 7.31 -28.70
C ALA A 387 5.85 6.03 -28.79
N PHE A 388 5.22 4.88 -28.56
CA PHE A 388 5.92 3.59 -28.57
C PHE A 388 6.15 3.05 -29.97
N LEU A 389 5.72 3.80 -31.00
CA LEU A 389 5.99 3.42 -32.39
C LEU A 389 7.50 3.32 -32.66
N GLY A 390 8.26 4.22 -32.04
CA GLY A 390 9.69 4.27 -32.24
C GLY A 390 10.51 3.42 -31.28
N VAL A 391 9.84 2.77 -30.32
CA VAL A 391 10.50 1.88 -29.38
C VAL A 391 10.61 0.48 -29.98
N ASN A 392 11.83 0.01 -30.16
CA ASN A 392 12.07 -1.24 -30.88
C ASN A 392 11.91 -2.50 -30.03
N GLN A 393 11.06 -2.41 -29.02
CA GLN A 393 10.71 -3.59 -28.21
C GLN A 393 9.55 -4.34 -28.85
N THR A 394 9.29 -5.54 -28.38
CA THR A 394 8.25 -6.39 -28.94
C THR A 394 6.86 -5.96 -28.48
N LYS A 395 5.87 -6.11 -29.36
CA LYS A 395 4.50 -5.74 -29.06
C LYS A 395 3.55 -6.88 -29.37
N GLN A 396 2.51 -7.01 -28.54
CA GLN A 396 1.55 -8.09 -28.70
C GLN A 396 0.45 -7.72 -29.70
N ASN A 397 -0.19 -8.74 -30.26
CA ASN A 397 -1.18 -8.58 -31.31
C ASN A 397 -2.61 -8.68 -30.78
N ALA A 398 -3.45 -7.71 -31.12
CA ALA A 398 -4.83 -7.68 -30.65
C ALA A 398 -5.72 -8.60 -31.48
N PHE A 399 -5.19 -9.11 -32.60
CA PHE A 399 -5.93 -10.02 -33.46
C PHE A 399 -5.68 -11.48 -33.10
N GLU A 400 -4.69 -11.71 -32.24
CA GLU A 400 -4.33 -13.07 -31.81
C GLU A 400 -4.57 -13.26 -30.31
N LYS A 401 -4.30 -12.24 -29.52
CA LYS A 401 -4.47 -12.31 -28.07
C LYS A 401 -5.63 -11.42 -27.60
N ASP A 402 -6.05 -11.60 -26.35
CA ASP A 402 -7.15 -10.84 -25.79
C ASP A 402 -6.66 -9.56 -25.12
N LEU A 403 -7.44 -8.50 -25.26
CA LEU A 403 -7.05 -7.17 -24.79
C LEU A 403 -6.85 -7.11 -23.27
N LEU A 404 -7.53 -7.97 -22.53
CA LEU A 404 -7.45 -7.94 -21.08
C LEU A 404 -6.23 -8.69 -20.58
N ASP A 405 -5.87 -9.77 -21.28
CA ASP A 405 -4.64 -10.49 -20.95
C ASP A 405 -3.44 -9.57 -21.12
N VAL A 406 -3.33 -8.97 -22.29
CA VAL A 406 -2.26 -8.02 -22.58
C VAL A 406 -2.25 -6.88 -21.56
N TRP A 407 -3.43 -6.38 -21.23
CA TRP A 407 -3.54 -5.30 -20.26
C TRP A 407 -2.97 -5.66 -18.90
N TYR A 408 -2.86 -6.96 -18.63
CA TYR A 408 -2.29 -7.44 -17.36
C TYR A 408 -0.80 -7.73 -17.46
N ASP A 409 -0.40 -8.50 -18.47
CA ASP A 409 0.94 -9.10 -18.49
C ASP A 409 1.93 -8.47 -19.48
N ASP A 410 1.58 -7.34 -20.08
CA ASP A 410 2.41 -6.78 -21.13
C ASP A 410 3.65 -6.04 -20.60
N PRO A 411 4.82 -6.37 -21.14
CA PRO A 411 6.11 -5.79 -20.73
C PRO A 411 6.14 -4.28 -20.85
N LEU A 412 5.62 -3.74 -21.96
CA LEU A 412 5.66 -2.31 -22.22
C LEU A 412 4.85 -1.53 -21.18
N TYR A 413 3.68 -2.06 -20.85
CA TYR A 413 2.86 -1.46 -19.81
C TYR A 413 3.57 -1.56 -18.45
N GLY A 414 4.14 -2.72 -18.16
CA GLY A 414 4.83 -2.93 -16.91
C GLY A 414 6.00 -1.98 -16.77
N GLY A 415 6.72 -1.79 -17.86
CA GLY A 415 7.85 -0.89 -17.89
C GLY A 415 7.47 0.53 -17.53
N ILE A 416 6.48 1.09 -18.24
CA ILE A 416 6.11 2.48 -18.00
C ILE A 416 5.41 2.62 -16.66
N ARG A 417 4.59 1.64 -16.29
CA ARG A 417 3.91 1.64 -15.00
C ARG A 417 4.87 1.64 -13.82
N SER A 418 5.91 0.82 -13.90
CA SER A 418 6.80 0.58 -12.76
C SER A 418 7.99 1.54 -12.72
N PHE A 419 8.04 2.49 -13.64
CA PHE A 419 9.15 3.44 -13.70
C PHE A 419 9.05 4.44 -12.55
N ARG A 420 10.18 4.67 -11.89
CA ARG A 420 10.27 5.63 -10.79
C ARG A 420 11.54 6.46 -10.90
N THR A 421 11.35 7.78 -11.00
CA THR A 421 12.47 8.70 -11.14
C THR A 421 13.17 8.97 -9.81
N LYS A 422 14.47 9.28 -9.87
CA LYS A 422 15.26 9.60 -8.69
C LYS A 422 15.76 11.05 -8.73
N ASN A 423 15.24 11.83 -9.66
CA ASN A 423 15.63 13.22 -9.78
C ASN A 423 15.23 14.02 -8.54
N SER A 424 16.16 14.83 -8.04
CA SER A 424 15.93 15.58 -6.81
C SER A 424 14.76 16.55 -6.92
N LYS A 425 14.67 17.26 -8.04
CA LYS A 425 13.57 18.21 -8.24
C LYS A 425 12.23 17.49 -8.27
N CYS A 426 12.22 16.32 -8.89
CA CYS A 426 10.99 15.56 -9.07
C CYS A 426 10.54 14.95 -7.75
N LEU A 427 11.49 14.40 -7.00
CA LEU A 427 11.17 13.72 -5.74
C LEU A 427 10.54 14.67 -4.72
N SER A 428 10.83 15.97 -4.86
CA SER A 428 10.28 16.98 -3.96
C SER A 428 9.14 17.74 -4.64
N CYS A 429 8.77 17.29 -5.83
CA CYS A 429 7.68 17.91 -6.57
C CYS A 429 6.34 17.31 -6.17
N GLY A 430 5.32 18.15 -6.06
CA GLY A 430 4.00 17.71 -5.65
C GLY A 430 3.30 16.81 -6.65
N LEU A 431 3.78 16.79 -7.89
CA LEU A 431 3.13 16.03 -8.95
C LEU A 431 3.90 14.77 -9.33
N LEU A 432 4.89 14.40 -8.51
CA LEU A 432 5.75 13.26 -8.79
C LEU A 432 4.97 11.99 -9.19
N LYS A 433 3.89 11.70 -8.48
CA LYS A 433 3.18 10.43 -8.65
C LYS A 433 2.60 10.27 -10.06
N ILE A 434 2.17 11.37 -10.66
CA ILE A 434 1.57 11.34 -11.99
C ILE A 434 2.54 11.65 -13.12
N CYS A 435 3.71 12.21 -12.79
CA CYS A 435 4.68 12.66 -13.79
C CYS A 435 5.95 11.81 -13.87
N GLU A 436 6.59 11.58 -12.72
CA GLU A 436 7.80 10.75 -12.66
C GLU A 436 8.93 11.24 -13.57
N GLY A 437 9.12 12.56 -13.61
CA GLY A 437 10.24 13.15 -14.33
C GLY A 437 10.04 13.35 -15.82
N GLY A 438 8.80 13.26 -16.28
CA GLY A 438 8.47 13.52 -17.68
C GLY A 438 8.05 12.27 -18.45
N CYS A 439 7.84 12.44 -19.75
CA CYS A 439 7.38 11.35 -20.61
C CYS A 439 8.35 10.19 -20.63
N TYR A 440 7.90 9.05 -20.14
CA TYR A 440 8.71 7.85 -20.02
C TYR A 440 9.44 7.46 -21.31
N VAL A 441 8.79 7.65 -22.45
CA VAL A 441 9.35 7.21 -23.73
C VAL A 441 10.60 8.02 -24.06
N ASN A 442 10.62 9.29 -23.67
CA ASN A 442 11.79 10.14 -23.87
C ASN A 442 12.92 9.79 -22.90
N LEU A 443 12.54 9.48 -21.66
CA LEU A 443 13.50 9.21 -20.61
C LEU A 443 14.36 7.99 -20.93
N ILE A 444 13.74 6.89 -21.34
CA ILE A 444 14.49 5.65 -21.56
C ILE A 444 15.47 5.75 -22.72
N LYS A 445 15.39 6.84 -23.48
CA LYS A 445 16.34 7.09 -24.57
C LYS A 445 17.65 7.65 -24.03
N GLU A 446 17.58 8.30 -22.87
CA GLU A 446 18.73 8.96 -22.28
C GLU A 446 19.69 7.98 -21.60
N LYS A 447 20.87 8.46 -21.27
CA LYS A 447 21.91 7.62 -20.66
C LYS A 447 21.50 7.10 -19.28
N SER A 448 21.01 7.99 -18.43
CA SER A 448 20.55 7.63 -17.09
C SER A 448 19.09 8.07 -16.89
N PRO A 449 18.14 7.30 -17.43
CA PRO A 449 16.72 7.69 -17.42
C PRO A 449 16.16 7.98 -16.03
N GLU A 450 16.54 7.17 -15.05
CA GLU A 450 16.04 7.35 -13.69
C GLU A 450 16.46 8.70 -13.09
N TYR A 451 17.51 9.31 -13.65
CA TYR A 451 18.03 10.58 -13.13
C TYR A 451 17.76 11.76 -14.06
N PHE A 452 17.42 11.49 -15.32
CA PHE A 452 17.15 12.55 -16.29
C PHE A 452 15.73 13.11 -16.15
N ARG A 453 15.62 14.44 -16.06
CA ARG A 453 14.32 15.09 -16.09
C ARG A 453 14.04 15.65 -17.49
N ASP A 454 12.81 15.48 -17.96
CA ASP A 454 12.39 15.90 -19.30
C ASP A 454 12.46 17.40 -19.47
N SER A 455 13.10 17.85 -20.55
CA SER A 455 13.35 19.27 -20.76
C SER A 455 12.07 20.10 -20.88
N VAL A 456 10.95 19.42 -21.07
CA VAL A 456 9.65 20.07 -21.14
C VAL A 456 9.32 20.75 -19.81
N CYS A 457 9.91 20.24 -18.74
CA CYS A 457 9.77 20.85 -17.42
C CYS A 457 11.07 21.56 -17.07
N GLN A 458 10.98 22.87 -16.87
CA GLN A 458 12.16 23.65 -16.51
C GLN A 458 12.00 24.24 -15.12
N LEU A 459 10.99 23.77 -14.40
CA LEU A 459 10.69 24.23 -13.05
C LEU A 459 11.88 24.00 -12.12
N MET B 21 -20.08 -24.17 33.51
CA MET B 21 -18.79 -24.49 32.91
C MET B 21 -17.97 -23.23 32.62
N ARG B 22 -17.06 -22.91 33.53
CA ARG B 22 -16.22 -21.74 33.40
C ARG B 22 -14.75 -22.10 33.43
N THR B 23 -14.00 -21.59 32.45
CA THR B 23 -12.56 -21.77 32.42
C THR B 23 -11.86 -20.41 32.48
N ILE B 24 -10.59 -20.37 32.10
CA ILE B 24 -9.84 -19.12 32.11
C ILE B 24 -10.00 -18.38 30.78
N SER B 25 -10.27 -17.08 30.86
CA SER B 25 -10.46 -16.27 29.66
C SER B 25 -9.26 -16.35 28.73
N GLU B 26 -9.53 -16.29 27.43
CA GLU B 26 -8.48 -16.38 26.42
C GLU B 26 -7.60 -15.13 26.39
N ASP B 27 -8.09 -14.06 27.01
CA ASP B 27 -7.34 -12.81 27.08
C ASP B 27 -6.21 -12.90 28.10
N ILE B 28 -6.27 -13.91 28.97
CA ILE B 28 -5.26 -14.12 29.99
C ILE B 28 -4.36 -15.30 29.62
N LEU B 29 -3.05 -15.09 29.75
CA LEU B 29 -2.08 -16.16 29.60
C LEU B 29 -1.85 -16.80 30.96
N PHE B 30 -2.05 -18.12 31.04
CA PHE B 30 -1.74 -18.86 32.26
C PHE B 30 -0.68 -19.91 31.97
N ARG B 31 0.28 -20.02 32.86
CA ARG B 31 1.40 -20.93 32.71
C ARG B 31 1.86 -21.45 34.06
N LEU B 32 2.10 -22.75 34.15
CA LEU B 32 2.75 -23.36 35.30
C LEU B 32 4.22 -22.99 35.28
N GLU B 33 4.78 -22.71 36.44
CA GLU B 33 6.21 -22.43 36.57
C GLU B 33 6.75 -23.13 37.82
N LYS B 34 8.07 -23.14 37.96
CA LYS B 34 8.72 -23.83 39.07
C LYS B 34 8.29 -23.30 40.43
N PHE B 35 7.84 -22.05 40.46
CA PHE B 35 7.40 -21.40 41.70
C PHE B 35 5.88 -21.45 41.86
N GLY B 36 5.23 -22.22 40.99
CA GLY B 36 3.77 -22.23 40.91
C GLY B 36 3.32 -21.91 39.51
N GLY B 37 3.00 -20.64 39.25
CA GLY B 37 2.62 -20.21 37.91
C GLY B 37 2.45 -18.70 37.80
N ILE B 38 2.13 -18.25 36.59
CA ILE B 38 1.89 -16.82 36.34
C ILE B 38 0.61 -16.61 35.52
N LEU B 39 -0.06 -15.50 35.80
CA LEU B 39 -1.14 -14.99 34.96
C LEU B 39 -0.69 -13.69 34.30
N ILE B 40 -0.88 -13.58 33.00
CA ILE B 40 -0.54 -12.36 32.27
C ILE B 40 -1.66 -11.95 31.31
N ASN B 41 -2.17 -10.73 31.48
CA ASN B 41 -3.15 -10.19 30.56
C ASN B 41 -2.49 -9.94 29.21
N LYS B 42 -3.04 -10.53 28.16
CA LYS B 42 -2.43 -10.44 26.84
C LYS B 42 -2.53 -9.04 26.22
N THR B 43 -3.31 -8.17 26.84
CA THR B 43 -3.54 -6.83 26.30
C THR B 43 -2.70 -5.77 27.01
N ASN B 44 -2.98 -5.53 28.29
CA ASN B 44 -2.28 -4.48 29.04
C ASN B 44 -1.07 -5.02 29.81
N PHE B 45 -0.87 -6.34 29.78
CA PHE B 45 0.32 -6.97 30.34
C PHE B 45 0.38 -6.94 31.87
N GLU B 46 -0.71 -6.60 32.53
CA GLU B 46 -0.76 -6.70 33.98
C GLU B 46 -0.58 -8.17 34.35
N ARG B 47 0.27 -8.46 35.32
CA ARG B 47 0.60 -9.85 35.65
C ARG B 47 0.45 -10.18 37.13
N ILE B 48 0.47 -11.47 37.41
CA ILE B 48 0.23 -11.99 38.75
C ILE B 48 1.00 -13.29 38.95
N GLU B 49 1.79 -13.34 40.02
CA GLU B 49 2.56 -14.54 40.33
C GLU B 49 1.72 -15.43 41.23
N LEU B 50 1.82 -16.75 41.00
CA LEU B 50 0.98 -17.72 41.71
C LEU B 50 1.82 -18.72 42.48
N ASP B 51 1.32 -19.12 43.65
CA ASP B 51 1.93 -20.18 44.43
C ASP B 51 1.56 -21.54 43.85
N GLU B 52 2.00 -22.62 44.50
CA GLU B 52 1.72 -23.96 44.01
C GLU B 52 0.21 -24.28 44.09
N THR B 53 -0.43 -23.84 45.17
CA THR B 53 -1.84 -24.15 45.40
C THR B 53 -2.74 -23.47 44.39
N GLU B 54 -2.46 -22.20 44.11
CA GLU B 54 -3.26 -21.42 43.18
C GLU B 54 -3.03 -21.88 41.74
N ALA B 55 -1.80 -22.25 41.43
CA ALA B 55 -1.45 -22.72 40.10
C ALA B 55 -2.20 -24.01 39.76
N PHE B 56 -2.12 -25.00 40.65
CA PHE B 56 -2.77 -26.29 40.42
C PHE B 56 -4.29 -26.12 40.35
N PHE B 57 -4.85 -25.34 41.27
CA PHE B 57 -6.28 -25.05 41.22
C PHE B 57 -6.67 -24.53 39.85
N LEU B 58 -5.93 -23.56 39.35
CA LEU B 58 -6.24 -22.93 38.07
C LEU B 58 -5.90 -23.84 36.90
N TYR B 59 -5.08 -24.86 37.14
CA TYR B 59 -4.76 -25.83 36.11
C TYR B 59 -5.91 -26.83 35.94
N LEU B 60 -6.69 -27.04 37.01
CA LEU B 60 -7.89 -27.84 36.92
C LEU B 60 -9.04 -27.02 36.34
N VAL B 61 -9.11 -25.75 36.71
CA VAL B 61 -10.08 -24.83 36.14
C VAL B 61 -9.89 -24.74 34.63
N GLN B 62 -8.67 -25.07 34.19
CA GLN B 62 -8.32 -25.03 32.77
C GLN B 62 -8.80 -26.28 32.04
N ASN B 63 -8.41 -27.44 32.56
CA ASN B 63 -8.68 -28.72 31.90
C ASN B 63 -10.04 -29.30 32.27
N HIS B 64 -10.59 -28.82 33.38
CA HIS B 64 -11.95 -29.14 33.80
C HIS B 64 -12.63 -27.81 34.06
N GLY B 65 -13.87 -27.83 34.53
CA GLY B 65 -14.55 -26.58 34.83
C GLY B 65 -14.00 -25.96 36.10
N ILE B 66 -14.48 -24.75 36.41
CA ILE B 66 -14.22 -24.15 37.70
C ILE B 66 -14.94 -24.92 38.81
N GLU B 67 -16.02 -25.61 38.44
CA GLU B 67 -16.85 -26.32 39.40
C GLU B 67 -16.15 -27.58 39.92
N ILE B 68 -15.61 -28.37 39.00
CA ILE B 68 -14.84 -29.55 39.38
C ILE B 68 -13.60 -29.14 40.16
N ALA B 69 -12.96 -28.06 39.72
CA ALA B 69 -11.74 -27.57 40.38
C ALA B 69 -12.04 -27.08 41.79
N THR B 70 -13.20 -26.46 41.96
CA THR B 70 -13.61 -25.95 43.27
C THR B 70 -13.94 -27.09 44.24
N SER B 71 -14.38 -28.22 43.68
CA SER B 71 -14.71 -29.39 44.48
C SER B 71 -13.45 -30.13 44.90
N PHE B 72 -12.49 -30.20 43.99
CA PHE B 72 -11.27 -30.94 44.23
C PHE B 72 -10.39 -30.25 45.28
N PHE B 73 -10.46 -28.92 45.32
CA PHE B 73 -9.66 -28.15 46.27
C PHE B 73 -10.55 -27.56 47.36
N LYS B 74 -11.56 -28.32 47.76
CA LYS B 74 -12.51 -27.87 48.77
C LYS B 74 -11.81 -27.67 50.11
N LYS B 75 -10.82 -28.51 50.39
CA LYS B 75 -10.07 -28.40 51.64
C LYS B 75 -9.28 -27.09 51.66
N GLU B 76 -8.57 -26.81 50.57
CA GLU B 76 -7.73 -25.63 50.47
C GLU B 76 -8.56 -24.35 50.48
N ILE B 77 -9.71 -24.37 49.81
CA ILE B 77 -10.61 -23.21 49.79
C ILE B 77 -11.09 -22.88 51.21
N GLU B 78 -11.53 -23.89 51.93
CA GLU B 78 -12.06 -23.71 53.28
C GLU B 78 -11.02 -23.15 54.25
N MET B 79 -9.75 -23.42 53.95
CA MET B 79 -8.64 -22.88 54.73
C MET B 79 -8.25 -21.48 54.26
N GLY B 80 -8.95 -20.97 53.25
CA GLY B 80 -8.72 -19.64 52.74
C GLY B 80 -7.44 -19.51 51.94
N LYS B 81 -6.99 -20.62 51.35
CA LYS B 81 -5.77 -20.62 50.54
C LYS B 81 -6.04 -20.22 49.09
N LEU B 82 -7.31 -20.05 48.72
CA LEU B 82 -7.67 -19.74 47.34
C LEU B 82 -8.59 -18.53 47.23
N GLU B 83 -8.71 -17.76 48.31
CA GLU B 83 -9.58 -16.59 48.30
C GLU B 83 -9.13 -15.58 47.24
N ARG B 84 -7.83 -15.50 47.03
CA ARG B 84 -7.28 -14.57 46.05
C ARG B 84 -7.63 -15.01 44.64
N ALA B 85 -7.31 -16.27 44.32
CA ALA B 85 -7.55 -16.81 42.99
C ALA B 85 -9.04 -16.73 42.63
N LEU B 86 -9.90 -17.09 43.58
CA LEU B 86 -11.35 -17.11 43.35
C LEU B 86 -11.93 -15.72 43.04
N SER B 87 -11.27 -14.69 43.56
CA SER B 87 -11.74 -13.31 43.36
C SER B 87 -11.21 -12.68 42.09
N LEU B 88 -10.16 -13.27 41.51
CA LEU B 88 -9.58 -12.73 40.29
C LEU B 88 -10.57 -12.76 39.14
N ASN B 89 -10.71 -11.62 38.47
CA ASN B 89 -11.59 -11.48 37.33
C ASN B 89 -10.95 -12.01 36.05
N ILE B 90 -10.83 -13.34 35.95
CA ILE B 90 -10.13 -13.98 34.84
C ILE B 90 -10.92 -15.13 34.21
N TYR B 91 -12.13 -15.35 34.68
CA TYR B 91 -12.94 -16.49 34.25
C TYR B 91 -14.01 -16.11 33.22
N SER B 92 -14.11 -16.91 32.16
CA SER B 92 -15.13 -16.73 31.14
C SER B 92 -15.95 -18.00 30.95
N ASP B 93 -17.05 -17.88 30.21
CA ASP B 93 -17.92 -19.02 29.89
C ASP B 93 -17.39 -19.81 28.72
N ASN B 94 -17.28 -21.12 28.89
CA ASN B 94 -16.76 -22.01 27.85
C ASN B 94 -17.79 -23.07 27.48
N ASN B 95 -17.86 -23.38 26.18
CA ASN B 95 -18.81 -24.38 25.70
C ASN B 95 -18.16 -25.74 25.46
N ILE B 96 -17.05 -25.99 26.16
CA ILE B 96 -16.35 -27.28 26.06
C ILE B 96 -17.31 -28.43 26.37
N GLU B 97 -17.26 -29.45 25.52
CA GLU B 97 -18.12 -30.61 25.68
C GLU B 97 -17.85 -31.32 27.00
N ASP B 98 -18.89 -31.95 27.55
CA ASP B 98 -18.79 -32.73 28.78
C ASP B 98 -17.76 -33.83 28.65
N SER B 99 -17.07 -34.10 29.75
CA SER B 99 -16.10 -35.19 29.80
C SER B 99 -16.00 -35.74 31.22
N LEU B 100 -15.50 -36.97 31.32
CA LEU B 100 -15.25 -37.59 32.63
C LEU B 100 -13.77 -37.88 32.79
N ASN B 101 -12.94 -36.95 32.33
CA ASN B 101 -11.49 -37.09 32.49
C ASN B 101 -11.09 -36.91 33.95
N ASN B 102 -10.10 -37.66 34.38
CA ASN B 102 -9.75 -37.73 35.79
C ASN B 102 -8.85 -36.56 36.24
N PRO B 103 -9.35 -35.74 37.20
CA PRO B 103 -8.54 -34.64 37.74
C PRO B 103 -7.23 -35.09 38.38
N TYR B 104 -7.21 -36.27 39.01
CA TYR B 104 -5.99 -36.79 39.62
C TYR B 104 -4.90 -36.98 38.58
N GLU B 105 -5.31 -37.31 37.36
CA GLU B 105 -4.35 -37.51 36.28
C GLU B 105 -3.86 -36.17 35.76
N THR B 106 -4.72 -35.16 35.83
CA THR B 106 -4.35 -33.81 35.39
C THR B 106 -3.38 -33.21 36.38
N LEU B 107 -3.56 -33.54 37.66
CA LEU B 107 -2.74 -32.97 38.73
C LEU B 107 -1.34 -33.59 38.75
N GLN B 108 -1.26 -34.89 38.48
CA GLN B 108 0.03 -35.57 38.41
C GLN B 108 0.86 -35.01 37.26
N ASN B 109 0.19 -34.71 36.15
CA ASN B 109 0.86 -34.07 35.02
C ASN B 109 1.44 -32.73 35.41
N ALA B 110 0.63 -31.93 36.10
CA ALA B 110 1.05 -30.64 36.59
C ALA B 110 2.26 -30.76 37.51
N ARG B 111 2.22 -31.73 38.42
CA ARG B 111 3.32 -31.92 39.37
C ARG B 111 4.61 -32.32 38.67
N LYS B 112 4.51 -33.13 37.61
CA LYS B 112 5.69 -33.59 36.89
C LYS B 112 6.29 -32.47 36.04
N HIS B 113 5.43 -31.61 35.50
CA HIS B 113 5.90 -30.50 34.68
C HIS B 113 6.66 -29.51 35.56
N VAL B 114 6.04 -29.10 36.66
CA VAL B 114 6.65 -28.20 37.63
C VAL B 114 7.96 -28.75 38.18
N ALA B 115 8.03 -30.06 38.40
CA ALA B 115 9.23 -30.70 38.93
C ALA B 115 10.38 -30.59 37.93
N LYS B 116 10.06 -30.73 36.66
CA LYS B 116 11.06 -30.65 35.61
C LYS B 116 11.60 -29.23 35.48
N LEU B 117 10.75 -28.25 35.80
CA LEU B 117 11.15 -26.85 35.74
C LEU B 117 12.04 -26.49 36.92
N LYS B 118 11.81 -27.14 38.06
CA LYS B 118 12.65 -26.93 39.24
C LYS B 118 14.03 -27.55 39.03
N LYS B 119 14.06 -28.72 38.41
CA LYS B 119 15.31 -29.44 38.16
C LYS B 119 16.24 -28.60 37.27
N HIS B 120 15.69 -28.07 36.18
CA HIS B 120 16.46 -27.25 35.26
C HIS B 120 16.53 -25.80 35.69
N ASN B 121 15.64 -25.43 36.62
CA ASN B 121 15.61 -24.07 37.17
C ASN B 121 15.51 -23.01 36.09
N ILE B 122 14.53 -23.17 35.20
CA ILE B 122 14.31 -22.22 34.12
C ILE B 122 12.84 -21.83 34.03
N LEU B 123 12.57 -20.77 33.28
CA LEU B 123 11.20 -20.40 32.96
C LEU B 123 10.68 -21.44 31.97
N SER B 124 9.38 -21.65 31.96
CA SER B 124 8.78 -22.71 31.15
C SER B 124 9.00 -22.47 29.65
N PHE B 125 8.98 -21.20 29.26
CA PHE B 125 9.12 -20.85 27.85
C PHE B 125 9.36 -19.34 27.77
N PRO B 126 9.95 -18.87 26.66
CA PRO B 126 10.06 -17.41 26.59
C PRO B 126 8.69 -16.74 26.51
N LEU B 127 8.63 -15.48 26.93
CA LEU B 127 7.42 -14.68 26.81
C LEU B 127 7.34 -14.06 25.42
N GLU B 128 8.50 -13.79 24.84
CA GLU B 128 8.58 -13.18 23.52
C GLU B 128 9.39 -14.03 22.54
N LEU B 129 8.86 -14.18 21.33
CA LEU B 129 9.56 -14.86 20.26
C LEU B 129 9.83 -13.86 19.13
N VAL B 130 11.10 -13.72 18.77
CA VAL B 130 11.48 -12.79 17.72
C VAL B 130 11.94 -13.57 16.49
N ILE B 131 11.19 -13.44 15.39
CA ILE B 131 11.53 -14.14 14.17
C ILE B 131 11.95 -13.15 13.09
N TYR B 132 12.92 -13.56 12.29
CA TYR B 132 13.49 -12.72 11.24
C TYR B 132 13.34 -13.43 9.88
N PRO B 133 12.14 -13.34 9.28
CA PRO B 133 11.88 -14.06 8.01
C PRO B 133 12.94 -13.76 6.95
N SER B 134 13.30 -12.49 6.83
CA SER B 134 14.28 -12.05 5.86
C SER B 134 15.22 -11.03 6.48
N MET B 135 16.51 -11.18 6.19
CA MET B 135 17.52 -10.23 6.66
C MET B 135 17.75 -9.13 5.64
N TYR B 136 17.24 -9.31 4.42
CA TYR B 136 17.33 -8.28 3.39
C TYR B 136 16.46 -7.09 3.75
N CYS B 137 17.03 -5.89 3.61
CA CYS B 137 16.27 -4.66 3.82
C CYS B 137 16.47 -3.69 2.66
N ASP B 138 15.37 -3.07 2.23
CA ASP B 138 15.42 -2.12 1.12
C ASP B 138 16.24 -0.87 1.45
N LEU B 139 16.46 -0.63 2.74
CA LEU B 139 17.23 0.53 3.19
C LEU B 139 18.55 0.11 3.83
N LYS B 140 19.28 1.09 4.35
CA LYS B 140 20.56 0.83 5.01
C LYS B 140 20.87 1.97 5.98
N CYS B 141 20.21 1.95 7.14
CA CYS B 141 20.37 3.01 8.14
C CYS B 141 21.77 3.02 8.74
N GLY B 142 22.22 4.21 9.13
CA GLY B 142 23.54 4.39 9.70
C GLY B 142 23.65 3.86 11.12
N PHE B 143 22.51 3.79 11.80
CA PHE B 143 22.48 3.29 13.18
C PHE B 143 22.15 1.80 13.22
N CYS B 144 21.77 1.24 12.08
CA CYS B 144 21.44 -0.18 11.99
C CYS B 144 22.67 -1.04 12.28
N PHE B 145 22.43 -2.27 12.75
CA PHE B 145 23.50 -3.19 13.10
C PHE B 145 23.27 -4.58 12.50
N LEU B 146 22.64 -4.61 11.33
CA LEU B 146 22.34 -5.87 10.65
C LEU B 146 22.52 -5.73 9.15
N ASN B 153 18.03 -16.19 -0.17
CA ASN B 153 17.63 -17.53 0.26
C ASN B 153 16.92 -17.51 1.63
N ALA B 154 15.59 -17.62 1.60
CA ALA B 154 14.80 -17.60 2.83
C ALA B 154 13.58 -18.51 2.69
N LYS B 155 13.28 -19.25 3.75
CA LYS B 155 12.18 -20.20 3.75
C LYS B 155 10.83 -19.49 3.71
N PRO B 156 9.80 -20.19 3.21
CA PRO B 156 8.43 -19.68 3.08
C PRO B 156 7.63 -19.76 4.38
N ALA B 157 6.43 -19.20 4.37
CA ALA B 157 5.60 -19.08 5.58
C ALA B 157 5.28 -20.43 6.20
N LYS B 158 5.13 -21.46 5.37
CA LYS B 158 4.79 -22.80 5.85
C LYS B 158 5.84 -23.32 6.84
N ASP B 159 7.11 -23.07 6.54
CA ASP B 159 8.20 -23.49 7.41
C ASP B 159 8.16 -22.75 8.75
N TRP B 160 7.67 -21.51 8.72
CA TRP B 160 7.52 -20.71 9.93
C TRP B 160 6.24 -21.08 10.70
N GLU B 161 5.28 -21.68 10.01
CA GLU B 161 4.04 -22.09 10.65
C GLU B 161 4.34 -23.13 11.72
N ARG B 162 5.43 -23.89 11.52
CA ARG B 162 5.92 -24.80 12.54
C ARG B 162 6.26 -24.02 13.80
N ILE B 163 7.17 -23.07 13.65
CA ILE B 163 7.66 -22.23 14.74
C ILE B 163 6.51 -21.64 15.55
N LEU B 164 5.57 -20.99 14.85
CA LEU B 164 4.46 -20.31 15.51
C LEU B 164 3.58 -21.29 16.28
N ARG B 165 3.40 -22.49 15.75
CA ARG B 165 2.57 -23.50 16.40
C ARG B 165 3.23 -24.02 17.67
N GLN B 166 4.52 -24.35 17.56
CA GLN B 166 5.30 -24.76 18.73
C GLN B 166 5.22 -23.69 19.81
N ALA B 167 5.38 -22.44 19.40
CA ALA B 167 5.39 -21.31 20.33
C ALA B 167 4.04 -21.12 21.01
N LYS B 168 2.96 -21.16 20.23
CA LYS B 168 1.62 -20.94 20.76
C LYS B 168 1.28 -21.98 21.83
N ASP B 169 1.55 -23.25 21.52
CA ASP B 169 1.20 -24.36 22.40
C ASP B 169 1.98 -24.34 23.72
N ASN B 170 3.19 -23.77 23.67
CA ASN B 170 4.06 -23.73 24.85
C ASN B 170 3.83 -22.50 25.72
N GLY B 171 3.04 -21.55 25.23
CA GLY B 171 2.63 -20.42 26.05
C GLY B 171 3.38 -19.11 25.85
N VAL B 172 3.87 -18.87 24.64
CA VAL B 172 4.50 -17.59 24.32
C VAL B 172 3.48 -16.48 24.53
N LEU B 173 3.96 -15.29 24.89
CA LEU B 173 3.07 -14.18 25.17
C LEU B 173 2.85 -13.30 23.95
N SER B 174 3.87 -13.21 23.10
CA SER B 174 3.76 -12.39 21.89
C SER B 174 4.87 -12.75 20.91
N VAL B 175 4.63 -12.47 19.62
CA VAL B 175 5.63 -12.71 18.59
C VAL B 175 6.00 -11.40 17.91
N SER B 176 7.30 -11.21 17.73
CA SER B 176 7.84 -10.01 17.10
C SER B 176 8.51 -10.37 15.78
N ILE B 177 8.06 -9.73 14.70
CA ILE B 177 8.57 -9.99 13.36
C ILE B 177 9.45 -8.84 12.91
N LEU B 178 10.72 -9.12 12.66
CA LEU B 178 11.68 -8.07 12.31
C LEU B 178 12.55 -8.45 11.13
N GLY B 179 13.81 -8.03 11.16
CA GLY B 179 14.76 -8.33 10.10
C GLY B 179 15.92 -7.36 10.13
N GLY B 180 16.21 -6.70 9.01
CA GLY B 180 15.53 -6.96 7.75
C GLY B 180 14.13 -6.39 7.64
N GLU B 181 13.82 -5.78 6.50
CA GLU B 181 12.47 -5.26 6.30
C GLU B 181 11.50 -6.41 6.11
N PRO B 182 10.63 -6.64 7.12
CA PRO B 182 9.69 -7.77 7.08
C PRO B 182 8.65 -7.64 5.97
N THR B 183 8.44 -6.43 5.46
CA THR B 183 7.53 -6.22 4.34
C THR B 183 8.15 -6.74 3.04
N ARG B 184 9.48 -6.66 2.97
CA ARG B 184 10.22 -7.13 1.81
C ARG B 184 10.49 -8.64 1.90
N TYR B 185 9.71 -9.34 2.72
CA TYR B 185 9.75 -10.79 2.80
C TYR B 185 8.63 -11.36 1.92
N PHE B 186 9.03 -12.05 0.85
CA PHE B 186 8.11 -12.41 -0.23
C PHE B 186 6.83 -13.11 0.22
N ASP B 187 6.87 -13.77 1.38
CA ASP B 187 5.70 -14.51 1.84
C ASP B 187 5.15 -13.94 3.13
N ILE B 188 5.26 -12.63 3.30
CA ILE B 188 4.83 -11.98 4.55
C ILE B 188 3.34 -12.08 4.77
N ASP B 189 2.56 -11.88 3.71
CA ASP B 189 1.10 -11.88 3.79
C ASP B 189 0.57 -13.19 4.36
N ASN B 190 1.21 -14.28 3.96
CA ASN B 190 0.84 -15.60 4.47
C ASN B 190 1.31 -15.80 5.91
N LEU B 191 2.49 -15.28 6.21
CA LEU B 191 3.02 -15.31 7.56
C LEU B 191 2.09 -14.57 8.52
N LEU B 192 1.64 -13.39 8.09
CA LEU B 192 0.72 -12.59 8.88
C LEU B 192 -0.63 -13.29 9.07
N ILE B 193 -1.06 -14.03 8.06
CA ILE B 193 -2.30 -14.80 8.18
C ILE B 193 -2.13 -15.92 9.20
N ALA B 194 -0.98 -16.57 9.17
CA ALA B 194 -0.66 -17.64 10.10
C ALA B 194 -0.86 -17.19 11.55
N CYS B 195 -0.30 -16.03 11.89
CA CYS B 195 -0.41 -15.48 13.24
C CYS B 195 -1.87 -15.18 13.58
N GLU B 196 -2.58 -14.55 12.65
CA GLU B 196 -3.98 -14.19 12.87
C GLU B 196 -4.82 -15.44 13.12
N GLU B 197 -4.58 -16.47 12.32
CA GLU B 197 -5.32 -17.73 12.42
C GLU B 197 -4.98 -18.47 13.70
N LEU B 198 -3.70 -18.43 14.08
CA LEU B 198 -3.23 -19.11 15.29
C LEU B 198 -3.63 -18.37 16.56
N LYS B 199 -4.21 -17.18 16.39
CA LYS B 199 -4.61 -16.34 17.51
C LYS B 199 -3.41 -15.99 18.38
N ILE B 200 -2.28 -15.74 17.73
CA ILE B 200 -1.05 -15.35 18.41
C ILE B 200 -0.87 -13.84 18.37
N LYS B 201 -0.89 -13.21 19.55
CA LYS B 201 -0.58 -11.78 19.66
C LYS B 201 0.75 -11.51 18.96
N THR B 202 0.73 -10.61 17.98
CA THR B 202 1.89 -10.38 17.13
C THR B 202 2.14 -8.89 16.90
N THR B 203 3.37 -8.56 16.55
CA THR B 203 3.69 -7.23 16.07
C THR B 203 4.67 -7.34 14.91
N ILE B 204 4.64 -6.36 14.02
CA ILE B 204 5.61 -6.29 12.93
C ILE B 204 6.15 -4.87 12.85
N THR B 205 7.48 -4.75 12.73
CA THR B 205 8.11 -3.43 12.69
C THR B 205 8.66 -3.13 11.31
N THR B 206 8.09 -2.11 10.68
CA THR B 206 8.43 -1.81 9.29
C THR B 206 8.84 -0.36 9.10
N ASN B 207 9.66 -0.12 8.09
CA ASN B 207 9.97 1.25 7.67
C ASN B 207 8.84 1.84 6.83
N ALA B 208 7.94 0.96 6.39
CA ALA B 208 6.71 1.35 5.69
C ALA B 208 6.96 2.08 4.37
N GLN B 209 8.12 1.86 3.77
CA GLN B 209 8.46 2.51 2.50
C GLN B 209 7.74 1.87 1.32
N LEU B 210 8.14 0.65 0.98
CA LEU B 210 7.54 -0.07 -0.13
C LEU B 210 6.64 -1.19 0.35
N ILE B 211 5.57 -0.82 1.07
CA ILE B 211 4.68 -1.81 1.66
C ILE B 211 3.44 -2.06 0.80
N LYS B 212 3.19 -3.33 0.52
CA LYS B 212 2.06 -3.73 -0.31
C LYS B 212 0.73 -3.31 0.31
N LYS B 213 -0.22 -2.95 -0.54
CA LYS B 213 -1.56 -2.61 -0.09
C LYS B 213 -2.26 -3.86 0.42
N SER B 214 -1.80 -5.01 -0.05
CA SER B 214 -2.31 -6.30 0.41
C SER B 214 -1.85 -6.56 1.83
N THR B 215 -0.60 -6.19 2.10
CA THR B 215 -0.02 -6.30 3.44
C THR B 215 -0.73 -5.33 4.39
N VAL B 216 -0.93 -4.10 3.93
CA VAL B 216 -1.60 -3.09 4.74
C VAL B 216 -3.01 -3.51 5.11
N GLU B 217 -3.69 -4.19 4.19
CA GLU B 217 -5.08 -4.60 4.39
C GLU B 217 -5.21 -5.65 5.49
N ILE B 218 -4.29 -6.60 5.52
CA ILE B 218 -4.33 -7.67 6.51
C ILE B 218 -4.19 -7.11 7.93
N LEU B 219 -3.39 -6.07 8.07
CA LEU B 219 -3.14 -5.44 9.37
C LEU B 219 -4.31 -4.57 9.81
N ALA B 220 -4.92 -3.89 8.85
CA ALA B 220 -6.00 -2.96 9.14
C ALA B 220 -7.22 -3.67 9.70
N LYS B 221 -7.36 -4.95 9.36
CA LYS B 221 -8.51 -5.76 9.78
C LYS B 221 -8.13 -6.82 10.81
N SER B 222 -6.82 -7.04 10.98
CA SER B 222 -6.33 -8.03 11.94
C SER B 222 -6.75 -7.65 13.35
N LYS B 223 -6.93 -8.66 14.19
CA LYS B 223 -7.33 -8.44 15.58
C LYS B 223 -6.21 -8.80 16.55
N TYR B 224 -5.18 -9.46 16.02
CA TYR B 224 -4.08 -9.94 16.84
C TYR B 224 -2.73 -9.31 16.49
N ILE B 225 -2.62 -8.82 15.26
CA ILE B 225 -1.37 -8.22 14.80
C ILE B 225 -1.42 -6.70 14.92
N THR B 226 -0.37 -6.13 15.49
CA THR B 226 -0.26 -4.68 15.66
C THR B 226 0.97 -4.16 14.92
N PRO B 227 0.77 -3.24 13.97
CA PRO B 227 1.94 -2.76 13.22
C PRO B 227 2.75 -1.75 14.03
N VAL B 228 4.07 -1.79 13.87
CA VAL B 228 4.96 -0.81 14.48
C VAL B 228 5.80 -0.15 13.41
N LEU B 229 5.79 1.18 13.38
CA LEU B 229 6.43 1.95 12.32
C LEU B 229 7.72 2.60 12.80
N SER B 230 8.81 2.36 12.07
CA SER B 230 10.08 3.01 12.35
C SER B 230 10.04 4.46 11.86
N LEU B 231 10.42 5.39 12.71
CA LEU B 231 10.32 6.81 12.41
C LEU B 231 11.12 7.62 13.41
N GLN B 232 12.25 8.16 12.97
CA GLN B 232 13.17 8.84 13.88
C GLN B 232 12.74 10.26 14.19
N THR B 233 12.08 10.91 13.24
CA THR B 233 11.59 12.27 13.46
C THR B 233 10.72 12.76 12.31
N LEU B 234 9.94 13.81 12.57
CA LEU B 234 9.13 14.44 11.54
C LEU B 234 9.98 15.39 10.71
N ASP B 235 11.12 15.77 11.25
CA ASP B 235 12.09 16.59 10.51
C ASP B 235 12.57 15.81 9.29
N SER B 236 12.12 16.23 8.11
CA SER B 236 12.41 15.51 6.87
C SER B 236 13.91 15.42 6.59
N LYS B 237 14.66 16.44 7.00
CA LYS B 237 16.10 16.47 6.75
C LYS B 237 16.84 15.52 7.68
N LEU B 238 16.62 15.65 8.99
CA LEU B 238 17.29 14.81 9.98
C LEU B 238 16.92 13.34 9.81
N ASN B 239 15.66 13.06 9.46
CA ASN B 239 15.24 11.68 9.28
C ASN B 239 15.96 11.04 8.10
N PHE B 240 16.20 11.84 7.06
CA PHE B 240 16.91 11.37 5.88
C PHE B 240 18.35 11.01 6.22
N GLU B 241 18.97 11.83 7.07
CA GLU B 241 20.34 11.57 7.51
C GLU B 241 20.40 10.23 8.27
N LEU B 242 19.34 9.93 9.01
CA LEU B 242 19.31 8.74 9.86
C LEU B 242 18.87 7.50 9.08
N MET B 243 17.73 7.59 8.41
CA MET B 243 17.15 6.43 7.72
C MET B 243 17.40 6.48 6.20
N GLY B 244 18.02 7.53 5.72
CA GLY B 244 18.25 7.68 4.29
C GLY B 244 16.97 7.90 3.51
N VAL B 245 15.89 8.19 4.22
CA VAL B 245 14.58 8.39 3.60
C VAL B 245 13.75 9.42 4.34
N ARG B 246 12.79 10.01 3.64
CA ARG B 246 11.89 10.98 4.24
C ARG B 246 10.90 10.27 5.17
N PRO B 247 10.29 11.02 6.10
CA PRO B 247 9.33 10.43 7.05
C PRO B 247 7.92 10.37 6.48
N ASP B 248 7.76 10.76 5.22
CA ASP B 248 6.44 10.91 4.62
C ASP B 248 5.66 9.60 4.57
N ARG B 249 6.33 8.53 4.15
CA ARG B 249 5.67 7.24 3.99
C ARG B 249 5.10 6.74 5.32
N GLN B 250 5.87 6.88 6.39
CA GLN B 250 5.42 6.47 7.72
C GLN B 250 4.24 7.32 8.16
N ILE B 251 4.37 8.63 7.99
CA ILE B 251 3.34 9.57 8.42
C ILE B 251 1.99 9.27 7.77
N LYS B 252 2.01 8.88 6.50
CA LYS B 252 0.78 8.56 5.78
C LYS B 252 0.15 7.29 6.33
N LEU B 253 0.96 6.25 6.49
CA LEU B 253 0.45 4.95 6.93
C LEU B 253 -0.12 5.04 8.36
N ALA B 254 0.48 5.89 9.17
CA ALA B 254 0.02 6.12 10.52
C ALA B 254 -1.38 6.75 10.51
N LYS B 255 -1.55 7.78 9.70
CA LYS B 255 -2.83 8.48 9.60
C LYS B 255 -3.91 7.56 9.04
N TYR B 256 -3.52 6.71 8.11
CA TYR B 256 -4.45 5.74 7.53
C TYR B 256 -5.03 4.80 8.59
N PHE B 257 -4.15 4.24 9.42
CA PHE B 257 -4.58 3.30 10.46
C PHE B 257 -5.52 3.98 11.44
N ASN B 258 -5.27 5.25 11.72
CA ASN B 258 -6.17 6.04 12.56
C ASN B 258 -7.51 6.25 11.86
N GLU B 259 -7.46 6.41 10.54
CA GLU B 259 -8.67 6.61 9.74
C GLU B 259 -9.53 5.36 9.73
N VAL B 260 -8.90 4.20 9.59
CA VAL B 260 -9.60 2.92 9.58
C VAL B 260 -9.79 2.36 10.99
N GLY B 261 -9.30 3.08 11.99
CA GLY B 261 -9.49 2.69 13.38
C GLY B 261 -8.64 1.51 13.82
N LYS B 262 -7.47 1.35 13.22
CA LYS B 262 -6.55 0.27 13.56
C LYS B 262 -5.43 0.77 14.47
N LYS B 263 -5.30 0.14 15.64
CA LYS B 263 -4.24 0.48 16.59
C LYS B 263 -2.88 0.38 15.92
N CYS B 264 -2.06 1.40 16.14
CA CYS B 264 -0.75 1.52 15.50
C CYS B 264 0.30 2.05 16.47
N ARG B 265 1.57 1.79 16.20
CA ARG B 265 2.65 2.19 17.09
C ARG B 265 3.86 2.79 16.35
N ILE B 266 4.57 3.67 17.04
CA ILE B 266 5.75 4.33 16.50
C ILE B 266 6.99 3.97 17.31
N ASN B 267 8.06 3.61 16.62
CA ASN B 267 9.34 3.29 17.27
C ASN B 267 10.45 4.18 16.73
N ALA B 268 11.25 4.73 17.64
CA ALA B 268 12.37 5.58 17.28
C ALA B 268 13.62 5.15 18.02
N VAL B 269 14.78 5.53 17.50
CA VAL B 269 16.06 5.28 18.14
C VAL B 269 16.69 6.60 18.52
N TYR B 270 17.03 6.74 19.81
CA TYR B 270 17.64 7.97 20.30
C TYR B 270 19.05 8.12 19.76
N THR B 271 19.19 8.83 18.65
CA THR B 271 20.48 9.00 17.98
C THR B 271 20.91 10.46 18.02
N LYS B 272 20.18 11.31 17.31
CA LYS B 272 20.52 12.72 17.21
C LYS B 272 19.29 13.62 17.28
N GLN B 273 18.20 13.09 17.84
CA GLN B 273 16.99 13.88 18.02
C GLN B 273 17.14 14.82 19.20
N SER B 274 16.66 16.05 19.03
CA SER B 274 16.54 16.99 20.14
C SER B 274 15.28 16.70 20.94
N TYR B 275 15.16 17.30 22.11
CA TYR B 275 13.93 17.20 22.90
C TYR B 275 12.75 17.72 22.08
N GLU B 276 12.95 18.87 21.44
CA GLU B 276 11.91 19.51 20.63
C GLU B 276 11.45 18.58 19.51
N GLN B 277 12.39 17.89 18.89
CA GLN B 277 12.08 16.95 17.82
C GLN B 277 11.34 15.72 18.36
N ILE B 278 11.64 15.32 19.59
CA ILE B 278 10.95 14.19 20.19
C ILE B 278 9.51 14.58 20.54
N ILE B 279 9.33 15.75 21.15
CA ILE B 279 8.01 16.25 21.50
C ILE B 279 7.14 16.41 20.25
N GLU B 280 7.75 16.85 19.15
CA GLU B 280 7.06 17.01 17.89
C GLU B 280 6.45 15.68 17.47
N LEU B 281 7.22 14.62 17.70
CA LEU B 281 6.79 13.27 17.38
C LEU B 281 5.77 12.76 18.41
N VAL B 282 5.85 13.26 19.64
CA VAL B 282 4.86 12.95 20.66
C VAL B 282 3.51 13.56 20.29
N ASP B 283 3.52 14.86 19.95
CA ASP B 283 2.31 15.56 19.52
C ASP B 283 1.68 14.86 18.32
N PHE B 284 2.52 14.40 17.40
CA PHE B 284 2.06 13.63 16.25
C PHE B 284 1.35 12.36 16.69
N CYS B 285 1.93 11.68 17.68
CA CYS B 285 1.37 10.44 18.19
C CYS B 285 0.02 10.68 18.87
N ILE B 286 -0.05 11.73 19.67
CA ILE B 286 -1.28 12.09 20.35
C ILE B 286 -2.38 12.46 19.35
N GLU B 287 -2.00 13.18 18.29
CA GLU B 287 -2.98 13.62 17.29
C GLU B 287 -3.57 12.46 16.49
N ASN B 288 -2.74 11.48 16.15
CA ASN B 288 -3.21 10.34 15.36
C ASN B 288 -3.60 9.14 16.22
N LYS B 289 -3.73 9.37 17.53
CA LYS B 289 -4.22 8.34 18.44
C LYS B 289 -3.31 7.11 18.49
N ILE B 290 -2.00 7.32 18.31
CA ILE B 290 -1.05 6.22 18.37
C ILE B 290 -1.15 5.48 19.69
N ASP B 291 -1.17 4.15 19.60
CA ASP B 291 -1.35 3.30 20.75
C ASP B 291 -0.14 3.38 21.69
N ARG B 292 1.04 3.22 21.12
CA ARG B 292 2.29 3.24 21.89
C ARG B 292 3.42 3.90 21.11
N PHE B 293 4.17 4.75 21.80
CA PHE B 293 5.35 5.40 21.24
C PHE B 293 6.55 5.08 22.11
N SER B 294 7.58 4.47 21.50
CA SER B 294 8.73 4.00 22.25
C SER B 294 10.04 4.50 21.67
N VAL B 295 10.94 4.93 22.56
CA VAL B 295 12.26 5.43 22.19
C VAL B 295 13.32 4.46 22.67
N ALA B 296 14.02 3.84 21.72
CA ALA B 296 15.01 2.83 22.05
C ALA B 296 16.40 3.43 22.20
N ASN B 297 17.17 2.90 23.16
CA ASN B 297 18.55 3.29 23.34
C ASN B 297 19.38 2.87 22.13
N TYR B 298 20.23 3.77 21.65
CA TYR B 298 21.10 3.46 20.53
C TYR B 298 22.26 2.60 21.02
N SER B 299 22.22 1.31 20.68
CA SER B 299 23.28 0.39 21.07
C SER B 299 24.31 0.27 19.96
N GLU B 300 25.55 0.64 20.25
CA GLU B 300 26.64 0.60 19.27
C GLU B 300 26.81 -0.80 18.68
N ILE B 307 27.05 5.55 12.61
CA ILE B 307 26.72 6.72 13.43
C ILE B 307 27.31 6.60 14.83
N LYS B 308 27.90 7.68 15.32
CA LYS B 308 28.47 7.70 16.66
C LYS B 308 27.39 7.78 17.72
N LYS B 309 27.67 7.24 18.91
CA LYS B 309 26.71 7.25 20.00
C LYS B 309 26.80 8.54 20.81
N LYS B 310 25.78 9.38 20.67
CA LYS B 310 25.76 10.69 21.32
C LYS B 310 25.15 10.64 22.73
N TYR B 311 24.23 9.70 22.96
CA TYR B 311 23.49 9.62 24.22
C TYR B 311 23.75 8.32 25.00
N ASP B 312 23.87 8.42 26.32
CA ASP B 312 24.00 7.25 27.18
C ASP B 312 22.69 6.98 27.92
N LEU B 313 22.72 6.08 28.91
CA LEU B 313 21.50 5.69 29.62
C LEU B 313 21.01 6.76 30.58
N ALA B 314 21.90 7.63 31.04
CA ALA B 314 21.51 8.75 31.89
C ALA B 314 20.74 9.79 31.08
N ASP B 315 21.09 9.93 29.80
CA ASP B 315 20.38 10.83 28.91
C ASP B 315 18.99 10.30 28.61
N LEU B 316 18.92 9.01 28.31
CA LEU B 316 17.65 8.36 27.98
C LEU B 316 16.67 8.48 29.13
N ARG B 317 17.18 8.48 30.36
CA ARG B 317 16.32 8.64 31.52
C ARG B 317 15.76 10.06 31.55
N ARG B 318 16.62 11.04 31.33
CA ARG B 318 16.22 12.45 31.35
C ARG B 318 15.15 12.66 30.30
N LEU B 319 15.35 12.04 29.14
CA LEU B 319 14.36 12.14 28.07
C LEU B 319 13.04 11.56 28.52
N ASN B 320 13.10 10.40 29.17
CA ASN B 320 11.90 9.72 29.63
C ASN B 320 11.10 10.57 30.61
N GLU B 321 11.79 11.21 31.54
CA GLU B 321 11.12 12.04 32.54
C GLU B 321 10.54 13.28 31.89
N TYR B 322 11.30 13.86 30.96
CA TYR B 322 10.85 15.02 30.21
C TYR B 322 9.56 14.73 29.43
N VAL B 323 9.56 13.66 28.65
CA VAL B 323 8.41 13.31 27.81
C VAL B 323 7.17 12.98 28.65
N THR B 324 7.35 12.22 29.72
CA THR B 324 6.23 11.81 30.56
C THR B 324 5.50 13.00 31.19
N ASP B 325 6.26 13.90 31.82
CA ASP B 325 5.69 15.10 32.40
C ASP B 325 4.90 15.92 31.38
N TYR B 326 5.44 15.99 30.16
CA TYR B 326 4.76 16.69 29.08
C TYR B 326 3.42 15.98 28.79
N ILE B 327 3.47 14.65 28.71
CA ILE B 327 2.26 13.87 28.42
C ILE B 327 1.24 13.97 29.55
N THR B 328 1.71 14.04 30.79
CA THR B 328 0.80 14.12 31.93
C THR B 328 0.25 15.54 32.04
N GLN B 329 1.06 16.53 31.71
CA GLN B 329 0.60 17.93 31.72
C GLN B 329 -0.43 18.17 30.63
N ARG B 330 -0.12 17.81 29.40
CA ARG B 330 -1.06 17.98 28.30
C ARG B 330 -2.32 17.15 28.52
N GLU B 331 -2.30 16.29 29.53
CA GLU B 331 -3.42 15.42 29.84
C GLU B 331 -3.78 14.54 28.64
N ALA B 332 -2.76 14.16 27.89
CA ALA B 332 -2.95 13.27 26.75
C ALA B 332 -2.97 11.82 27.19
N ASN B 333 -3.62 10.98 26.39
CA ASN B 333 -3.59 9.54 26.58
C ASN B 333 -2.65 8.91 25.56
N LEU B 334 -1.42 8.64 25.99
CA LEU B 334 -0.43 8.03 25.13
C LEU B 334 0.54 7.17 25.93
N ASN B 335 0.52 5.88 25.64
CA ASN B 335 1.48 4.97 26.24
C ASN B 335 2.87 5.27 25.68
N PHE B 336 3.78 5.71 26.55
CA PHE B 336 5.15 6.02 26.15
C PHE B 336 6.16 5.29 27.01
N ALA B 337 7.24 4.84 26.38
CA ALA B 337 8.24 4.05 27.07
C ALA B 337 9.61 4.17 26.41
N THR B 338 10.64 4.30 27.23
CA THR B 338 12.00 4.14 26.75
C THR B 338 12.36 2.67 26.86
N GLU B 339 13.15 2.17 25.92
CA GLU B 339 13.51 0.75 25.89
C GLU B 339 15.01 0.56 25.71
N GLY B 340 15.47 -0.64 26.03
CA GLY B 340 16.88 -0.97 25.95
C GLY B 340 17.28 -1.85 27.11
N CYS B 341 18.57 -2.16 27.20
CA CYS B 341 19.10 -2.96 28.29
C CYS B 341 19.79 -2.08 29.31
N HIS B 342 19.71 -2.49 30.59
CA HIS B 342 20.43 -1.85 31.68
C HIS B 342 20.01 -0.42 31.92
N LEU B 343 18.76 -0.10 31.60
CA LEU B 343 18.20 1.21 31.86
C LEU B 343 18.18 1.50 33.35
N PHE B 344 18.03 0.44 34.15
CA PHE B 344 17.99 0.57 35.60
C PHE B 344 19.32 1.09 36.16
N THR B 345 20.40 0.96 35.39
CA THR B 345 21.72 1.43 35.83
C THR B 345 21.78 2.96 35.92
N ALA B 346 20.81 3.63 35.30
CA ALA B 346 20.70 5.08 35.36
C ALA B 346 19.90 5.52 36.58
N TYR B 347 19.56 4.56 37.44
CA TYR B 347 18.75 4.81 38.62
C TYR B 347 19.49 4.40 39.90
N PRO B 348 20.37 5.28 40.42
CA PRO B 348 21.03 5.03 41.70
C PRO B 348 20.06 4.89 42.87
N GLU B 349 18.78 5.18 42.62
CA GLU B 349 17.73 4.99 43.63
C GLU B 349 17.47 3.51 43.87
N LEU B 350 18.18 2.66 43.12
CA LEU B 350 18.09 1.22 43.29
C LEU B 350 19.40 0.67 43.87
N ILE B 351 20.17 1.55 44.52
CA ILE B 351 21.40 1.15 45.18
C ILE B 351 21.07 0.53 46.54
N ASN B 352 19.78 0.31 46.79
CA ASN B 352 19.35 -0.31 48.03
C ASN B 352 19.62 -1.81 48.04
N ASN B 353 20.12 -2.30 49.16
CA ASN B 353 20.25 -3.74 49.36
C ASN B 353 18.94 -4.31 49.91
N SER B 354 18.00 -3.42 50.21
CA SER B 354 16.69 -3.82 50.66
C SER B 354 15.81 -4.26 49.49
N ILE B 355 16.34 -4.09 48.27
CA ILE B 355 15.65 -4.54 47.07
C ILE B 355 15.55 -6.06 47.06
N GLU B 356 14.33 -6.56 47.16
CA GLU B 356 14.09 -8.00 47.12
C GLU B 356 13.28 -8.37 45.88
N PHE B 357 13.77 -9.37 45.14
CA PHE B 357 13.09 -9.85 43.95
C PHE B 357 12.39 -11.18 44.19
N SER B 358 11.18 -11.32 43.66
CA SER B 358 10.47 -12.59 43.70
C SER B 358 11.12 -13.55 42.71
N GLU B 359 10.80 -14.84 42.83
CA GLU B 359 11.43 -15.85 42.00
C GLU B 359 11.22 -15.58 40.51
N PHE B 360 10.07 -15.00 40.18
CA PHE B 360 9.76 -14.68 38.80
C PHE B 360 10.43 -13.39 38.33
N ASP B 361 10.58 -12.44 39.24
CA ASP B 361 11.13 -11.14 38.91
C ASP B 361 12.64 -11.22 38.65
N GLU B 362 13.31 -12.11 39.37
CA GLU B 362 14.74 -12.32 39.18
C GLU B 362 15.06 -12.79 37.76
N MET B 363 14.08 -13.40 37.12
CA MET B 363 14.24 -13.93 35.77
C MET B 363 13.62 -13.02 34.72
N TYR B 364 12.57 -12.31 35.11
CA TYR B 364 11.85 -11.45 34.19
C TYR B 364 12.58 -10.13 33.93
N TYR B 365 13.11 -9.53 34.99
CA TYR B 365 13.82 -8.26 34.88
C TYR B 365 15.25 -8.46 34.41
N GLY B 366 15.83 -7.42 33.82
CA GLY B 366 17.20 -7.48 33.35
C GLY B 366 17.31 -8.17 32.01
N CYS B 367 18.45 -8.82 31.78
CA CYS B 367 18.75 -9.46 30.51
C CYS B 367 17.68 -10.48 30.13
N ARG B 368 16.92 -10.16 29.08
CA ARG B 368 15.79 -10.98 28.67
C ARG B 368 16.22 -12.23 27.92
N ALA B 369 17.47 -12.25 27.46
CA ALA B 369 17.96 -13.38 26.68
C ALA B 369 18.13 -14.62 27.54
N LYS B 370 18.15 -14.44 28.86
CA LYS B 370 18.31 -15.56 29.79
C LYS B 370 17.04 -16.43 29.87
N TYR B 371 15.91 -15.85 30.25
CA TYR B 371 14.71 -16.65 30.53
C TYR B 371 13.38 -16.20 29.90
N THR B 372 13.38 -15.11 29.14
CA THR B 372 12.10 -14.58 28.65
C THR B 372 12.06 -14.29 27.15
N LYS B 373 13.19 -14.44 26.48
CA LYS B 373 13.27 -14.13 25.06
C LYS B 373 13.89 -15.26 24.25
N MET B 374 13.52 -15.32 22.97
CA MET B 374 14.15 -16.22 22.00
C MET B 374 14.08 -15.57 20.63
N GLU B 375 15.19 -15.60 19.90
CA GLU B 375 15.27 -14.96 18.59
C GLU B 375 15.69 -15.97 17.52
N ILE B 376 14.85 -16.13 16.51
CA ILE B 376 15.13 -17.05 15.40
C ILE B 376 15.49 -16.27 14.13
N MET B 377 16.59 -16.65 13.49
CA MET B 377 17.07 -15.95 12.31
C MET B 377 16.39 -16.45 11.03
N SER B 378 16.89 -15.98 9.88
CA SER B 378 16.36 -16.40 8.59
C SER B 378 16.59 -17.88 8.35
N ASN B 379 17.86 -18.27 8.38
CA ASN B 379 18.26 -19.67 8.18
C ASN B 379 17.63 -20.60 9.22
N GLY B 380 17.30 -20.05 10.38
CA GLY B 380 16.66 -20.80 11.45
C GLY B 380 17.51 -20.86 12.71
N ASP B 381 18.64 -20.16 12.69
CA ASP B 381 19.56 -20.17 13.83
C ASP B 381 18.92 -19.55 15.07
N ILE B 382 18.86 -20.33 16.14
CA ILE B 382 18.23 -19.90 17.38
C ILE B 382 19.24 -19.18 18.25
N LEU B 383 18.89 -17.95 18.62
CA LEU B 383 19.74 -17.12 19.47
C LEU B 383 18.98 -16.68 20.73
N PRO B 384 19.68 -16.62 21.88
CA PRO B 384 19.02 -16.03 23.06
C PRO B 384 18.76 -14.55 22.86
N CYS B 385 19.62 -13.91 22.07
CA CYS B 385 19.53 -12.49 21.79
C CYS B 385 20.15 -12.22 20.42
N ILE B 386 19.73 -11.14 19.78
CA ILE B 386 20.28 -10.77 18.46
C ILE B 386 21.79 -10.50 18.58
N ALA B 387 22.25 -10.21 19.79
CA ALA B 387 23.66 -9.91 20.02
C ALA B 387 24.55 -11.14 19.80
N PHE B 388 23.96 -12.32 19.77
CA PHE B 388 24.71 -13.57 19.59
C PHE B 388 25.08 -13.84 18.13
N LEU B 389 24.83 -12.89 17.24
CA LEU B 389 25.17 -13.06 15.83
C LEU B 389 26.68 -13.10 15.64
N GLY B 390 27.38 -12.21 16.34
CA GLY B 390 28.83 -12.14 16.28
C GLY B 390 29.50 -13.02 17.33
N VAL B 391 29.09 -14.29 17.38
CA VAL B 391 29.68 -15.25 18.31
C VAL B 391 29.91 -16.59 17.58
N ASN B 392 31.17 -17.03 17.56
CA ASN B 392 31.57 -18.20 16.77
C ASN B 392 31.14 -19.55 17.32
N GLN B 393 30.09 -19.57 18.14
CA GLN B 393 29.60 -20.82 18.73
C GLN B 393 28.54 -21.45 17.84
N THR B 394 28.23 -22.71 18.10
CA THR B 394 27.22 -23.43 17.32
C THR B 394 25.81 -22.97 17.68
N LYS B 395 24.93 -22.96 16.67
CA LYS B 395 23.57 -22.47 16.83
C LYS B 395 22.56 -23.44 16.23
N GLN B 396 21.81 -24.12 17.09
CA GLN B 396 20.83 -25.10 16.64
C GLN B 396 19.77 -24.45 15.75
N ASN B 397 19.06 -25.28 14.98
CA ASN B 397 18.16 -24.80 13.94
C ASN B 397 16.67 -24.96 14.30
N ALA B 398 15.92 -23.88 14.17
CA ALA B 398 14.51 -23.86 14.57
C ALA B 398 13.61 -24.61 13.60
N PHE B 399 14.08 -24.78 12.37
CA PHE B 399 13.32 -25.47 11.34
C PHE B 399 13.33 -26.98 11.54
N GLU B 400 14.48 -27.49 11.99
CA GLU B 400 14.67 -28.93 12.19
C GLU B 400 14.26 -29.38 13.59
N LYS B 401 14.90 -28.81 14.60
CA LYS B 401 14.67 -29.22 15.99
C LYS B 401 13.50 -28.47 16.62
N ASP B 402 12.91 -29.07 17.65
CA ASP B 402 11.78 -28.47 18.34
C ASP B 402 12.24 -27.35 19.27
N LEU B 403 11.41 -26.31 19.39
CA LEU B 403 11.79 -25.13 20.15
C LEU B 403 11.94 -25.44 21.64
N LEU B 404 11.06 -26.26 22.18
CA LEU B 404 11.09 -26.60 23.59
C LEU B 404 12.33 -27.41 23.97
N ASP B 405 12.86 -28.17 23.02
CA ASP B 405 14.07 -28.94 23.23
C ASP B 405 15.28 -28.02 23.31
N VAL B 406 15.34 -27.02 22.45
CA VAL B 406 16.45 -26.06 22.42
C VAL B 406 16.44 -25.18 23.66
N TRP B 407 15.25 -24.81 24.11
CA TRP B 407 15.07 -23.93 25.26
C TRP B 407 15.69 -24.50 26.54
N TYR B 408 15.85 -25.82 26.57
CA TYR B 408 16.39 -26.52 27.74
C TYR B 408 17.90 -26.78 27.64
N ASP B 409 18.32 -27.35 26.52
CA ASP B 409 19.67 -27.92 26.41
C ASP B 409 20.69 -27.07 25.67
N ASP B 410 20.28 -25.96 25.05
CA ASP B 410 21.19 -25.21 24.18
C ASP B 410 22.37 -24.63 24.96
N PRO B 411 23.59 -24.77 24.41
CA PRO B 411 24.79 -24.34 25.14
C PRO B 411 24.96 -22.82 25.22
N LEU B 412 24.31 -22.08 24.31
CA LEU B 412 24.38 -20.62 24.36
C LEU B 412 23.52 -20.14 25.52
N TYR B 413 22.31 -20.67 25.63
CA TYR B 413 21.42 -20.34 26.73
C TYR B 413 22.06 -20.69 28.06
N GLY B 414 22.67 -21.86 28.14
CA GLY B 414 23.30 -22.33 29.36
C GLY B 414 24.45 -21.42 29.80
N GLY B 415 25.14 -20.85 28.82
CA GLY B 415 26.24 -19.95 29.10
C GLY B 415 25.76 -18.69 29.79
N ILE B 416 24.78 -18.02 29.17
CA ILE B 416 24.33 -16.72 29.67
C ILE B 416 23.52 -16.89 30.95
N ARG B 417 22.85 -18.02 31.10
CA ARG B 417 22.04 -18.29 32.28
C ARG B 417 22.90 -18.55 33.50
N SER B 418 24.01 -19.24 33.31
CA SER B 418 24.85 -19.69 34.41
C SER B 418 25.99 -18.72 34.74
N PHE B 419 26.14 -17.68 33.93
CA PHE B 419 27.19 -16.71 34.17
C PHE B 419 27.00 -16.00 35.52
N ARG B 420 28.09 -15.77 36.23
CA ARG B 420 28.05 -15.12 37.52
C ARG B 420 29.29 -14.26 37.67
N THR B 421 29.11 -12.98 37.99
CA THR B 421 30.24 -12.07 38.14
C THR B 421 30.88 -12.18 39.52
N LYS B 422 32.13 -11.74 39.62
CA LYS B 422 32.87 -11.68 40.87
C LYS B 422 33.32 -10.26 41.18
N ASN B 423 32.94 -9.32 40.31
CA ASN B 423 33.27 -7.91 40.50
C ASN B 423 32.71 -7.41 41.83
N SER B 424 33.55 -6.76 42.62
CA SER B 424 33.16 -6.36 43.97
C SER B 424 32.07 -5.29 43.99
N LYS B 425 32.09 -4.41 42.98
CA LYS B 425 31.04 -3.42 42.85
C LYS B 425 29.69 -4.10 42.67
N CYS B 426 29.68 -5.14 41.84
CA CYS B 426 28.46 -5.86 41.51
C CYS B 426 27.98 -6.76 42.65
N LEU B 427 28.91 -7.43 43.32
CA LEU B 427 28.54 -8.34 44.40
C LEU B 427 27.81 -7.63 45.53
N SER B 428 28.07 -6.33 45.67
CA SER B 428 27.39 -5.52 46.69
C SER B 428 26.24 -4.71 46.10
N CYS B 429 25.93 -4.97 44.82
CA CYS B 429 24.87 -4.26 44.12
C CYS B 429 23.52 -4.97 44.24
N GLY B 430 22.50 -4.23 44.66
CA GLY B 430 21.17 -4.78 44.85
C GLY B 430 20.58 -5.38 43.58
N LEU B 431 21.11 -4.98 42.43
CA LEU B 431 20.61 -5.46 41.14
C LEU B 431 21.44 -6.61 40.58
N LEU B 432 22.33 -7.15 41.40
CA LEU B 432 23.28 -8.18 40.97
C LEU B 432 22.63 -9.31 40.19
N LYS B 433 21.56 -9.89 40.75
CA LYS B 433 20.96 -11.10 40.21
C LYS B 433 20.40 -10.92 38.80
N ILE B 434 19.93 -9.71 38.49
CA ILE B 434 19.33 -9.44 37.19
C ILE B 434 20.32 -8.82 36.20
N CYS B 435 21.55 -8.53 36.64
CA CYS B 435 22.54 -7.84 35.81
C CYS B 435 23.86 -8.60 35.68
N GLU B 436 24.45 -9.02 36.81
CA GLU B 436 25.67 -9.83 36.79
C GLU B 436 26.81 -9.17 36.00
N GLY B 437 26.99 -7.87 36.19
CA GLY B 437 28.12 -7.16 35.64
C GLY B 437 27.85 -6.53 34.29
N GLY B 438 26.63 -6.69 33.79
CA GLY B 438 26.22 -6.11 32.53
C GLY B 438 25.98 -7.14 31.44
N CYS B 439 25.98 -6.69 30.19
CA CYS B 439 25.67 -7.54 29.06
C CYS B 439 26.67 -8.68 28.87
N TYR B 440 26.19 -9.90 29.00
CA TYR B 440 27.00 -11.12 28.85
C TYR B 440 27.85 -11.13 27.58
N VAL B 441 27.26 -10.77 26.44
CA VAL B 441 27.97 -10.81 25.16
C VAL B 441 29.18 -9.89 25.18
N ASN B 442 29.04 -8.71 25.78
CA ASN B 442 30.16 -7.79 25.93
C ASN B 442 31.24 -8.33 26.85
N LEU B 443 30.82 -8.99 27.94
CA LEU B 443 31.76 -9.41 28.98
C LEU B 443 32.64 -10.57 28.52
N ILE B 444 32.09 -11.53 27.80
CA ILE B 444 32.86 -12.71 27.39
C ILE B 444 33.95 -12.36 26.37
N LYS B 445 33.95 -11.12 25.88
CA LYS B 445 34.98 -10.64 24.98
C LYS B 445 36.20 -10.11 25.74
N GLU B 446 36.03 -9.91 27.04
CA GLU B 446 37.08 -9.31 27.86
C GLU B 446 38.05 -10.38 28.37
N LYS B 447 39.22 -9.94 28.81
CA LYS B 447 40.27 -10.87 29.24
C LYS B 447 39.81 -11.72 30.43
N SER B 448 39.15 -11.08 31.38
CA SER B 448 38.60 -11.76 32.55
C SER B 448 37.13 -11.39 32.74
N PRO B 449 36.22 -12.04 31.98
CA PRO B 449 34.80 -11.69 31.97
C PRO B 449 34.16 -11.62 33.36
N GLU B 450 34.64 -12.45 34.29
CA GLU B 450 34.03 -12.52 35.62
C GLU B 450 34.36 -11.30 36.49
N TYR B 451 35.41 -10.57 36.13
CA TYR B 451 35.83 -9.40 36.93
C TYR B 451 35.64 -8.10 36.18
N PHE B 452 35.25 -8.20 34.91
CA PHE B 452 34.98 -7.01 34.10
C PHE B 452 33.55 -6.51 34.30
N ARG B 453 33.40 -5.24 34.67
CA ARG B 453 32.08 -4.63 34.76
C ARG B 453 31.82 -3.78 33.53
N ASP B 454 30.70 -4.04 32.87
CA ASP B 454 30.30 -3.35 31.65
C ASP B 454 30.35 -1.83 31.82
N SER B 455 30.97 -1.16 30.85
CA SER B 455 31.15 0.29 30.91
C SER B 455 29.83 1.05 30.83
N VAL B 456 28.77 0.37 30.39
CA VAL B 456 27.43 0.97 30.34
C VAL B 456 26.97 1.36 31.75
N CYS B 457 27.56 0.69 32.73
CA CYS B 457 27.32 1.00 34.13
C CYS B 457 28.53 1.69 34.75
N GLN B 458 28.33 2.87 35.31
CA GLN B 458 29.44 3.64 35.88
C GLN B 458 29.25 3.96 37.36
N LEU B 459 28.53 3.09 38.07
CA LEU B 459 28.24 3.31 39.48
C LEU B 459 29.42 2.94 40.37
FE1 SF4 C . -2.31 15.32 -41.75
FE2 SF4 C . -2.82 12.74 -42.60
FE3 SF4 C . -4.03 13.63 -40.33
FE4 SF4 C . -1.21 13.37 -40.37
S1 SF4 C . -2.59 11.71 -40.58
S2 SF4 C . -2.28 14.99 -39.42
S3 SF4 C . -0.86 13.72 -42.62
S4 SF4 C . -4.26 14.54 -42.44
FE1 SF4 D . 2.24 11.37 -23.15
FE2 SF4 D . 2.45 8.96 -24.23
FE3 SF4 D . 2.58 9.10 -21.52
FE4 SF4 D . 4.65 10.08 -23.05
S1 SF4 D . 3.99 7.91 -22.83
S2 SF4 D . 3.65 11.14 -21.36
S3 SF4 D . 3.46 10.82 -24.97
S4 SF4 D . 0.75 9.80 -22.78
FE1 SF4 E . 8.41 18.60 -13.43
FE2 SF4 E . 7.25 16.12 -13.44
FE3 SF4 E . 7.38 17.57 -11.09
FE4 SF4 E . 9.73 16.53 -12.20
S1 SF4 E . 8.02 15.35 -11.40
S2 SF4 E . 9.34 18.65 -11.38
S3 SF4 E . 9.25 16.57 -14.38
S4 SF4 E . 6.24 18.10 -13.06
N SAM F . -5.82 11.94 -40.30
CA SAM F . -6.57 12.18 -39.08
C SAM F . -6.65 13.68 -38.79
O SAM F . -7.55 14.05 -38.04
OXT SAM F . -5.87 14.49 -39.44
CB SAM F . -5.97 11.44 -37.89
CG SAM F . -4.49 11.76 -37.66
SD SAM F . -3.93 12.51 -36.11
CE SAM F . -3.42 11.07 -35.13
C5' SAM F . -5.32 13.18 -35.16
C4' SAM F . -5.04 14.61 -34.73
O4' SAM F . -3.71 14.77 -34.29
C3' SAM F . -5.20 15.55 -35.93
O3' SAM F . -6.30 16.40 -35.74
C2' SAM F . -3.92 16.36 -36.02
O2' SAM F . -4.26 17.72 -36.17
C1' SAM F . -3.23 16.04 -34.69
N9 SAM F . -1.75 16.01 -34.77
C8 SAM F . -0.98 15.56 -35.82
N7 SAM F . 0.30 15.66 -35.60
C5 SAM F . 0.40 16.20 -34.33
C6 SAM F . 1.49 16.55 -33.52
N6 SAM F . 2.74 16.37 -33.95
N1 SAM F . 1.23 17.09 -32.28
C2 SAM F . -0.03 17.24 -31.91
N3 SAM F . -1.14 16.94 -32.58
C4 SAM F . -0.86 16.43 -33.80
FE1 SF4 G . 15.61 -1.66 9.70
FE2 SF4 G . 16.89 0.72 8.69
FE3 SF4 G . 16.82 -1.58 7.32
FE4 SF4 G . 18.12 -1.53 10.04
S1 SF4 G . 18.69 -0.53 8.11
S2 SF4 G . 16.90 -3.27 9.08
S3 SF4 G . 16.68 -0.10 10.93
S4 SF4 G . 15.08 -0.23 7.84
FE1 SF4 H . 26.17 -2.00 37.69
FE2 SF4 H . 24.81 -4.31 37.11
FE3 SF4 H . 24.82 -3.43 39.67
FE4 SF4 H . 27.32 -4.24 38.45
S1 SF4 H . 25.40 -5.43 38.92
S2 SF4 H . 26.98 -2.51 39.74
S3 SF4 H . 26.91 -3.66 36.32
S4 SF4 H . 23.91 -2.37 37.87
FE1 SF4 I . 20.56 -7.20 26.27
FE2 SF4 I . 20.99 -9.31 24.64
FE3 SF4 I . 20.93 -9.68 27.39
FE4 SF4 I . 23.02 -8.19 26.19
S1 SF4 I . 22.56 -10.33 25.94
S2 SF4 I . 21.85 -7.81 28.14
S3 SF4 I . 21.93 -7.26 24.39
S4 SF4 I . 19.18 -8.91 26.01
N SAM J . 13.15 -2.30 8.61
CA SAM J . 12.58 -2.63 9.91
C SAM J . 12.66 -1.43 10.86
O SAM J . 13.41 -0.53 10.51
OXT SAM J . 11.57 -1.21 11.53
CB SAM J . 13.29 -3.86 10.48
CG SAM J . 13.24 -4.02 11.99
SD SAM J . 14.63 -3.23 12.83
CE SAM J . 15.87 -4.55 12.81
C5' SAM J . 13.98 -3.34 14.53
C4' SAM J . 14.17 -2.03 15.31
O4' SAM J . 15.52 -1.92 15.69
C3' SAM J . 13.84 -0.78 14.49
O3' SAM J . 12.73 -0.10 15.05
C2' SAM J . 15.10 0.09 14.58
O2' SAM J . 14.71 1.43 14.85
C1' SAM J . 15.87 -0.55 15.74
N9 SAM J . 17.33 -0.40 15.66
C8 SAM J . 18.13 -0.39 14.54
N7 SAM J . 19.41 -0.24 14.82
C5 SAM J . 19.46 -0.13 16.20
C6 SAM J . 20.50 0.04 17.11
N6 SAM J . 21.76 0.15 16.70
N1 SAM J . 20.20 0.11 18.45
C2 SAM J . 18.92 -0.01 18.82
N3 SAM J . 17.86 -0.17 18.05
C4 SAM J . 18.18 -0.23 16.74
#